data_9DQJ
#
_entry.id   9DQJ
#
_cell.length_a   1.00
_cell.length_b   1.00
_cell.length_c   1.00
_cell.angle_alpha   90.00
_cell.angle_beta   90.00
_cell.angle_gamma   90.00
#
_symmetry.space_group_name_H-M   'P 1'
#
loop_
_entity.id
_entity.type
_entity.pdbx_description
1 polymer 'Mas-related G-protein coupled receptor member D'
2 polymer 'Guanine nucleotide-binding protein G(i) subunit alpha-2,Guanine nucleotide-binding protein G(s) subunit alpha isoforms XLas'
3 polymer 'Guanine nucleotide-binding protein G(I)/G(S)/G(T) subunit beta-1'
4 polymer 'Guanine nucleotide-binding protein G(I)/G(S)/G(O) subunit gamma-2'
5 polymer scFv16
6 non-polymer 2-({1-[1-(4-methoxyphenyl)cyclopropane-1-carbonyl]piperidin-4-yl}amino)quinazolin-4(3H)-one
#
loop_
_entity_poly.entity_id
_entity_poly.type
_entity_poly.pdbx_seq_one_letter_code
_entity_poly.pdbx_strand_id
1 'polypeptide(L)'
;GPNQTLNSSGTVESALNYSRGSTVHTAYLVLSSLAMFTCLCGMAGNSMVIWLLGFRMHRNPFCIYILNLAAADLLFLFSM
ASTLSLETQPLVNTTDKVHELMKRLMYFAYTVGLSLLTAISTQRCLSVLFPIWFKCHRPRHLSAWVCGLLWTLCLLMNGL
TSSFCSKFLKFNEDRCFRVDMVQAALIMGVLTPVMTLSSLTLFVWVRRSSQQWRRQPTRLFVVVLASVLVFLICSLPLSI
YWFVLYWLSLPPEMQVLCFSLSRLSSSVSSSANPVIYFLVGSRRSHRLPTRSLGTVLQQALREEPELEGGETPTVGTNEM
GA
;
A
2 'polypeptide(L)'
;MGSTVSAEDKAAAERSKMIDKNLREDGEKARRTLRLLLLGADNSGKSTIVKQMRILHGGSGGSGGTSGIFETKFQVDKVN
FHMFDVGGQRDERRKWIQCFNDVTAIIFVVDSSDYNRLQEALNDFKSIWNNRWLRTISVILFLNKQDLLAEKVLAGKSKI
EDYFPEFARYTTPEDATPEPGEDPRVTRAKYFIRKEFVDISTASGDGRHICYPHFTCAVDTENARRIFNDCKDIILQMNL
REYNLV
;
B
3 'polypeptide(L)'
;GPGSSGSELDQLRQEAEQLKNQIRDARKACADATLSQITNNIDPVGRIQMRTRRTLRGHLAKIYAMHWGTDSRLLVSASQ
DGKLIIWDSYTTNKVHAIPLRSSWVMTCAYAPSGNYVACGGLDNICSIYNLKTREGNVRVSRELAGHTGYLSCCRFLDDN
QIVTSSGDTTCALWDIETGQQTTTFTGHTGDVMSLSLAPDTRLFVSGACDASAKLWDVREGMCRQTFTGHESDINAICFF
PNGNAFATGSDDATCRLFDLRADQELMTYSHDNIICGITSVSFSKSGRLLLAGYDDFNCNVWDALKADRAGVLAGHDNRV
SCLGVTDDGMAVATGSWDSFLKIWN
;
C
4 'polypeptide(L)' MASNNTASIAQARKLVEQLKMEANIDRIKVSKAAADLMAYCEAHAKEDPLLTPVPASENPFREKKFFCAIL D
5 'polypeptide(L)'
;DVQLVESGGGLVQPGGSRKLSCSASGFAFSSFGMHWVRQAPEKGLEWVAYISSGSGTIYYADTVKGRFTISRDDPKNTLF
LQMTSLRSEDTAMYYCVRSIYYYGSSPFDFWGQGTTLTVSSGGGGSGGGGSGGGGSDIVMTQATSSVPVTPGESVSISCR
SSKSLLHSNGNTYLYWFLQRPGQSPQLLIYRMSNLASGVPDRFSGSGSGTAFTLTISRLEAEDVGVYYCMQHLEYPLTFG
AGTKLELKAAALEVLFQ
;
E
#
# COMPACT_ATOMS: atom_id res chain seq x y z
N SER A 22 15.84 -8.52 -64.92
CA SER A 22 14.83 -9.27 -65.67
C SER A 22 13.51 -9.31 -64.91
N THR A 23 12.82 -10.44 -65.01
CA THR A 23 11.54 -10.59 -64.32
C THR A 23 11.73 -10.55 -62.81
N VAL A 24 12.75 -11.26 -62.30
CA VAL A 24 12.87 -11.48 -60.87
C VAL A 24 13.10 -10.17 -60.12
N HIS A 25 13.69 -9.17 -60.77
CA HIS A 25 13.87 -7.89 -60.11
C HIS A 25 12.52 -7.25 -59.79
N THR A 26 11.49 -7.56 -60.58
CA THR A 26 10.17 -7.04 -60.27
C THR A 26 9.69 -7.59 -58.93
N ALA A 27 9.87 -8.89 -58.71
CA ALA A 27 9.50 -9.47 -57.43
C ALA A 27 10.36 -8.93 -56.31
N TYR A 28 11.66 -8.72 -56.58
CA TYR A 28 12.53 -8.13 -55.58
C TYR A 28 12.01 -6.78 -55.13
N LEU A 29 11.69 -5.92 -56.10
CA LEU A 29 11.17 -4.59 -55.77
C LEU A 29 9.84 -4.69 -55.04
N VAL A 30 8.95 -5.58 -55.50
CA VAL A 30 7.63 -5.68 -54.89
C VAL A 30 7.76 -6.07 -53.42
N LEU A 31 8.54 -7.12 -53.14
CA LEU A 31 8.68 -7.58 -51.77
C LEU A 31 9.49 -6.61 -50.93
N SER A 32 10.42 -5.88 -51.53
CA SER A 32 11.10 -4.84 -50.78
C SER A 32 10.13 -3.76 -50.34
N SER A 33 9.24 -3.34 -51.26
CA SER A 33 8.26 -2.31 -50.90
C SER A 33 7.31 -2.80 -49.83
N LEU A 34 6.84 -4.04 -49.98
CA LEU A 34 5.94 -4.62 -48.97
C LEU A 34 6.64 -4.71 -47.61
N ALA A 35 7.90 -5.14 -47.60
CA ALA A 35 8.63 -5.24 -46.35
C ALA A 35 8.79 -3.86 -45.71
N MET A 36 9.09 -2.84 -46.51
CA MET A 36 9.23 -1.49 -45.96
C MET A 36 7.91 -1.00 -45.36
N PHE A 37 6.79 -1.25 -46.05
CA PHE A 37 5.51 -0.81 -45.51
C PHE A 37 5.15 -1.55 -44.23
N THR A 38 5.33 -2.88 -44.22
CA THR A 38 5.04 -3.65 -43.03
C THR A 38 5.96 -3.25 -41.89
N CYS A 39 7.20 -2.89 -42.20
CA CYS A 39 8.12 -2.48 -41.15
C CYS A 39 7.75 -1.12 -40.58
N LEU A 40 7.26 -0.22 -41.41
CA LEU A 40 6.74 1.03 -40.89
C LEU A 40 5.56 0.79 -39.97
N CYS A 41 4.61 -0.03 -40.42
CA CYS A 41 3.44 -0.31 -39.59
C CYS A 41 3.83 -0.98 -38.29
N GLY A 42 4.74 -1.95 -38.35
CA GLY A 42 5.18 -2.64 -37.16
C GLY A 42 5.98 -1.76 -36.23
N MET A 43 6.80 -0.87 -36.77
CA MET A 43 7.53 0.07 -35.91
C MET A 43 6.56 0.98 -35.18
N ALA A 44 5.54 1.47 -35.88
CA ALA A 44 4.53 2.28 -35.20
C ALA A 44 3.82 1.48 -34.11
N GLY A 45 3.39 0.25 -34.42
CA GLY A 45 2.67 -0.54 -33.44
C GLY A 45 3.52 -0.89 -32.22
N ASN A 46 4.76 -1.30 -32.46
CA ASN A 46 5.66 -1.64 -31.37
C ASN A 46 5.99 -0.43 -30.52
N SER A 47 6.17 0.73 -31.14
CA SER A 47 6.39 1.94 -30.37
C SER A 47 5.18 2.25 -29.50
N MET A 48 3.98 2.05 -30.05
CA MET A 48 2.78 2.26 -29.26
C MET A 48 2.73 1.30 -28.08
N VAL A 49 3.10 0.04 -28.30
CA VAL A 49 3.13 -0.94 -27.22
C VAL A 49 4.10 -0.52 -26.14
N ILE A 50 5.27 -0.02 -26.54
CA ILE A 50 6.26 0.44 -25.57
C ILE A 50 5.71 1.62 -24.78
N TRP A 51 5.07 2.57 -25.47
CA TRP A 51 4.56 3.77 -24.79
C TRP A 51 3.46 3.44 -23.79
N LEU A 52 2.53 2.55 -24.17
CA LEU A 52 1.44 2.20 -23.27
C LEU A 52 1.92 1.45 -22.03
N LEU A 53 3.13 0.90 -22.05
CA LEU A 53 3.68 0.22 -20.88
C LEU A 53 4.63 1.13 -20.12
N PRO A 61 4.79 -8.89 -14.50
CA PRO A 61 5.15 -10.28 -14.83
C PRO A 61 5.25 -10.49 -16.33
N PHE A 62 4.10 -10.77 -16.95
CA PHE A 62 4.02 -10.84 -18.40
C PHE A 62 4.33 -9.50 -19.04
N CYS A 63 4.15 -8.41 -18.30
CA CYS A 63 4.39 -7.08 -18.84
C CYS A 63 5.86 -6.87 -19.19
N ILE A 64 6.76 -7.41 -18.37
CA ILE A 64 8.19 -7.27 -18.64
C ILE A 64 8.54 -7.95 -19.96
N TYR A 65 8.04 -9.17 -20.15
CA TYR A 65 8.30 -9.89 -21.39
C TYR A 65 7.72 -9.16 -22.59
N ILE A 66 6.51 -8.62 -22.43
CA ILE A 66 5.88 -7.89 -23.54
C ILE A 66 6.69 -6.66 -23.91
N LEU A 67 7.13 -5.90 -22.91
CA LEU A 67 7.91 -4.70 -23.19
C LEU A 67 9.25 -5.04 -23.82
N ASN A 68 9.92 -6.09 -23.32
CA ASN A 68 11.19 -6.47 -23.92
C ASN A 68 11.03 -6.94 -25.35
N LEU A 69 10.00 -7.73 -25.62
CA LEU A 69 9.77 -8.19 -26.99
C LEU A 69 9.39 -7.01 -27.88
N ALA A 70 8.67 -6.03 -27.34
CA ALA A 70 8.36 -4.84 -28.12
C ALA A 70 9.62 -4.05 -28.46
N ALA A 71 10.54 -3.94 -27.50
CA ALA A 71 11.78 -3.22 -27.76
C ALA A 71 12.63 -3.93 -28.79
N ALA A 72 12.78 -5.25 -28.65
CA ALA A 72 13.54 -6.02 -29.61
C ALA A 72 12.87 -6.00 -30.99
N ASP A 73 11.55 -6.01 -31.02
CA ASP A 73 10.83 -5.93 -32.29
C ASP A 73 11.03 -4.58 -32.95
N LEU A 74 11.04 -3.51 -32.15
CA LEU A 74 11.33 -2.19 -32.70
C LEU A 74 12.74 -2.15 -33.30
N LEU A 75 13.71 -2.72 -32.58
CA LEU A 75 15.08 -2.71 -33.09
C LEU A 75 15.17 -3.50 -34.38
N PHE A 76 14.60 -4.71 -34.41
CA PHE A 76 14.63 -5.52 -35.61
C PHE A 76 13.91 -4.86 -36.77
N LEU A 77 12.72 -4.30 -36.54
CA LEU A 77 11.95 -3.74 -37.63
C LEU A 77 12.58 -2.48 -38.17
N PHE A 78 13.08 -1.61 -37.29
CA PHE A 78 13.80 -0.44 -37.76
C PHE A 78 15.02 -0.85 -38.57
N SER A 79 15.80 -1.80 -38.06
CA SER A 79 16.99 -2.22 -38.77
C SER A 79 16.62 -2.79 -40.13
N MET A 80 15.52 -3.51 -40.19
CA MET A 80 15.14 -4.17 -41.44
C MET A 80 14.70 -3.13 -42.46
N ALA A 81 13.81 -2.22 -42.04
CA ALA A 81 13.28 -1.22 -42.97
C ALA A 81 14.39 -0.31 -43.47
N SER A 82 15.22 0.20 -42.57
CA SER A 82 16.27 1.10 -43.00
C SER A 82 17.40 0.36 -43.71
N THR A 83 17.55 -0.94 -43.51
CA THR A 83 18.47 -1.71 -44.33
C THR A 83 17.95 -1.84 -45.75
N LEU A 84 16.64 -2.05 -45.90
CA LEU A 84 16.07 -2.04 -47.25
C LEU A 84 16.29 -0.68 -47.92
N SER A 85 15.92 0.39 -47.22
CA SER A 85 16.07 1.74 -47.75
C SER A 85 17.52 2.06 -48.07
N LEU A 86 18.45 1.52 -47.28
CA LEU A 86 19.86 1.65 -47.59
C LEU A 86 20.22 0.88 -48.84
N GLU A 87 19.64 -0.30 -49.00
CA GLU A 87 19.87 -1.12 -50.18
C GLU A 87 19.31 -0.47 -51.43
N THR A 88 18.49 0.56 -51.28
CA THR A 88 17.97 1.23 -52.47
C THR A 88 19.04 1.92 -53.31
N GLN A 89 20.30 1.82 -52.95
CA GLN A 89 21.39 2.55 -53.59
C GLN A 89 22.56 1.62 -53.83
N PRO A 90 23.47 1.99 -54.74
CA PRO A 90 24.70 1.23 -54.89
C PRO A 90 25.60 1.35 -53.66
N LEU A 91 26.51 0.38 -53.53
CA LEU A 91 27.32 0.28 -52.33
C LEU A 91 28.35 1.39 -52.26
N VAL A 92 28.44 2.05 -51.10
CA VAL A 92 29.41 3.08 -50.82
C VAL A 92 30.09 2.74 -49.51
N ASN A 93 31.37 3.11 -49.38
CA ASN A 93 32.19 2.59 -48.28
C ASN A 93 31.56 2.87 -46.92
N THR A 94 31.27 4.13 -46.64
CA THR A 94 30.56 4.45 -45.40
C THR A 94 29.15 3.88 -45.42
N THR A 95 28.47 3.97 -46.56
CA THR A 95 27.14 3.40 -46.68
C THR A 95 27.17 1.89 -46.49
N ASP A 96 28.17 1.22 -47.06
CA ASP A 96 28.26 -0.23 -46.89
C ASP A 96 28.58 -0.59 -45.45
N LYS A 97 29.41 0.21 -44.78
CA LYS A 97 29.70 -0.06 -43.37
C LYS A 97 28.44 0.07 -42.52
N VAL A 98 27.64 1.11 -42.78
CA VAL A 98 26.38 1.27 -42.05
C VAL A 98 25.43 0.11 -42.36
N HIS A 99 25.40 -0.30 -43.64
CA HIS A 99 24.64 -1.49 -44.03
C HIS A 99 25.04 -2.69 -43.20
N GLU A 100 26.34 -2.91 -43.05
CA GLU A 100 26.81 -4.06 -42.29
C GLU A 100 26.42 -3.96 -40.83
N LEU A 101 26.60 -2.79 -40.23
CA LEU A 101 26.26 -2.65 -38.81
C LEU A 101 24.78 -2.90 -38.58
N MET A 102 23.94 -2.35 -39.45
CA MET A 102 22.51 -2.52 -39.28
C MET A 102 22.07 -3.96 -39.56
N LYS A 103 22.75 -4.65 -40.48
CA LYS A 103 22.49 -6.07 -40.68
C LYS A 103 22.78 -6.86 -39.43
N ARG A 104 23.89 -6.54 -38.76
CA ARG A 104 24.22 -7.26 -37.54
C ARG A 104 23.21 -6.98 -36.43
N LEU A 105 22.80 -5.71 -36.28
CA LEU A 105 21.77 -5.42 -35.29
C LEU A 105 20.46 -6.12 -35.61
N MET A 106 20.13 -6.23 -36.90
CA MET A 106 18.96 -6.98 -37.33
C MET A 106 19.01 -8.41 -36.82
N TYR A 107 20.11 -9.12 -37.09
CA TYR A 107 20.15 -10.52 -36.69
C TYR A 107 20.16 -10.67 -35.17
N PHE A 108 20.85 -9.75 -34.48
CA PHE A 108 20.86 -9.78 -33.02
C PHE A 108 19.46 -9.63 -32.45
N ALA A 109 18.69 -8.66 -32.94
CA ALA A 109 17.34 -8.46 -32.46
C ALA A 109 16.45 -9.65 -32.79
N TYR A 110 16.66 -10.26 -33.94
CA TYR A 110 15.94 -11.48 -34.31
C TYR A 110 16.11 -12.54 -33.24
N THR A 111 17.35 -12.84 -32.87
CA THR A 111 17.59 -13.87 -31.87
C THR A 111 16.98 -13.51 -30.54
N VAL A 112 17.08 -12.24 -30.13
CA VAL A 112 16.50 -11.85 -28.85
C VAL A 112 14.99 -12.05 -28.84
N GLY A 113 14.33 -11.65 -29.92
CA GLY A 113 12.89 -11.83 -29.99
C GLY A 113 12.48 -13.29 -29.94
N LEU A 114 13.23 -14.15 -30.63
CA LEU A 114 12.90 -15.58 -30.60
C LEU A 114 13.03 -16.15 -29.21
N SER A 115 14.14 -15.83 -28.52
CA SER A 115 14.31 -16.30 -27.15
C SER A 115 13.20 -15.79 -26.25
N LEU A 116 12.76 -14.55 -26.45
CA LEU A 116 11.72 -13.98 -25.59
C LEU A 116 10.36 -14.63 -25.86
N LEU A 117 10.08 -14.97 -27.12
CA LEU A 117 8.85 -15.70 -27.39
C LEU A 117 8.84 -17.05 -26.69
N THR A 118 9.98 -17.74 -26.75
CA THR A 118 10.11 -19.00 -26.01
C THR A 118 9.89 -18.79 -24.52
N ALA A 119 10.42 -17.70 -23.97
CA ALA A 119 10.23 -17.42 -22.55
C ALA A 119 8.76 -17.20 -22.21
N ILE A 120 8.03 -16.47 -23.05
CA ILE A 120 6.61 -16.24 -22.83
C ILE A 120 5.84 -17.55 -22.86
N SER A 121 6.12 -18.39 -23.85
CA SER A 121 5.43 -19.66 -23.93
C SER A 121 5.70 -20.54 -22.71
N THR A 122 6.96 -20.60 -22.27
CA THR A 122 7.28 -21.38 -21.09
C THR A 122 6.58 -20.83 -19.85
N GLN A 123 6.48 -19.51 -19.74
CA GLN A 123 5.80 -18.89 -18.61
C GLN A 123 4.33 -19.27 -18.57
N ARG A 124 3.65 -19.22 -19.71
CA ARG A 124 2.25 -19.63 -19.76
C ARG A 124 2.12 -21.10 -19.37
N CYS A 125 3.02 -21.93 -19.86
CA CYS A 125 2.98 -23.35 -19.53
C CYS A 125 3.14 -23.58 -18.03
N LEU A 126 4.04 -22.84 -17.39
CA LEU A 126 4.20 -22.99 -15.95
C LEU A 126 2.97 -22.50 -15.19
N SER A 127 2.37 -21.40 -15.65
CA SER A 127 1.18 -20.91 -14.96
C SER A 127 0.02 -21.89 -15.07
N VAL A 128 -0.02 -22.70 -16.11
CA VAL A 128 -1.06 -23.73 -16.18
C VAL A 128 -0.68 -24.97 -15.38
N LEU A 129 0.50 -25.53 -15.65
CA LEU A 129 0.88 -26.80 -15.04
C LEU A 129 1.18 -26.67 -13.55
N PHE A 130 1.75 -25.54 -13.14
CA PHE A 130 2.13 -25.32 -11.74
C PHE A 130 1.47 -24.03 -11.27
N PRO A 131 0.19 -24.07 -10.98
CA PRO A 131 -0.55 -22.83 -10.69
C PRO A 131 -0.21 -22.23 -9.34
N ILE A 132 -0.20 -23.07 -8.31
CA ILE A 132 0.05 -22.58 -6.96
C ILE A 132 1.50 -22.14 -6.81
N TRP A 133 2.44 -22.88 -7.41
CA TRP A 133 3.81 -22.42 -7.42
C TRP A 133 3.93 -21.08 -8.11
N PHE A 134 3.27 -20.93 -9.26
CA PHE A 134 3.33 -19.67 -9.98
C PHE A 134 2.77 -18.52 -9.17
N LYS A 135 1.70 -18.78 -8.42
CA LYS A 135 1.09 -17.71 -7.63
C LYS A 135 1.87 -17.40 -6.37
N CYS A 136 2.50 -18.41 -5.77
CA CYS A 136 3.03 -18.28 -4.41
C CYS A 136 4.56 -18.27 -4.34
N HIS A 137 5.23 -19.27 -4.91
CA HIS A 137 6.66 -19.43 -4.74
C HIS A 137 7.45 -19.12 -6.01
N ARG A 138 6.99 -18.19 -6.78
CA ARG A 138 7.79 -17.79 -7.93
C ARG A 138 8.48 -16.47 -7.64
N PRO A 139 9.77 -16.35 -7.90
CA PRO A 139 10.47 -15.09 -7.62
C PRO A 139 9.85 -13.93 -8.36
N ARG A 140 9.79 -12.78 -7.68
CA ARG A 140 9.05 -11.64 -8.22
C ARG A 140 9.73 -11.05 -9.45
N HIS A 141 11.07 -11.07 -9.49
CA HIS A 141 11.81 -10.47 -10.58
C HIS A 141 12.38 -11.51 -11.53
N LEU A 142 11.81 -12.71 -11.57
CA LEU A 142 12.33 -13.74 -12.45
C LEU A 142 12.24 -13.29 -13.91
N SER A 143 11.21 -12.52 -14.24
CA SER A 143 11.10 -12.00 -15.59
C SER A 143 12.26 -11.08 -15.92
N ALA A 144 12.63 -10.20 -14.99
CA ALA A 144 13.77 -9.32 -15.21
C ALA A 144 15.06 -10.11 -15.36
N TRP A 145 15.29 -11.08 -14.47
CA TRP A 145 16.51 -11.86 -14.53
C TRP A 145 16.62 -12.61 -15.84
N VAL A 146 15.54 -13.27 -16.25
CA VAL A 146 15.59 -14.07 -17.46
C VAL A 146 15.72 -13.19 -18.69
N CYS A 147 15.04 -12.03 -18.70
CA CYS A 147 15.17 -11.12 -19.83
C CYS A 147 16.60 -10.62 -19.97
N GLY A 148 17.22 -10.24 -18.85
CA GLY A 148 18.60 -9.79 -18.91
C GLY A 148 19.53 -10.89 -19.37
N LEU A 149 19.31 -12.11 -18.88
CA LEU A 149 20.14 -13.23 -19.30
C LEU A 149 19.99 -13.48 -20.80
N LEU A 150 18.77 -13.38 -21.31
CA LEU A 150 18.54 -13.58 -22.74
C LEU A 150 19.26 -12.51 -23.55
N TRP A 151 19.15 -11.25 -23.14
CA TRP A 151 19.83 -10.18 -23.86
C TRP A 151 21.33 -10.40 -23.84
N THR A 152 21.89 -10.77 -22.69
CA THR A 152 23.32 -10.94 -22.57
C THR A 152 23.81 -12.10 -23.42
N LEU A 153 23.16 -13.26 -23.34
CA LEU A 153 23.60 -14.39 -24.14
C LEU A 153 23.44 -14.12 -25.63
N CYS A 154 22.34 -13.46 -26.01
CA CYS A 154 22.14 -13.13 -27.41
C CYS A 154 23.21 -12.17 -27.90
N LEU A 155 23.59 -11.20 -27.07
CA LEU A 155 24.66 -10.29 -27.44
C LEU A 155 25.97 -11.04 -27.61
N LEU A 156 26.30 -11.91 -26.64
CA LEU A 156 27.54 -12.66 -26.75
C LEU A 156 27.59 -13.43 -28.06
N MET A 157 26.55 -14.21 -28.33
CA MET A 157 26.57 -15.08 -29.52
C MET A 157 26.56 -14.26 -30.81
N ASN A 158 25.66 -13.28 -30.90
CA ASN A 158 25.54 -12.50 -32.14
C ASN A 158 26.81 -11.72 -32.41
N GLY A 159 27.39 -11.09 -31.38
CA GLY A 159 28.61 -10.34 -31.57
C GLY A 159 29.76 -11.24 -31.96
N LEU A 160 29.83 -12.43 -31.37
CA LEU A 160 30.88 -13.38 -31.76
C LEU A 160 30.75 -13.74 -33.23
N THR A 161 29.52 -14.03 -33.68
CA THR A 161 29.34 -14.41 -35.08
C THR A 161 29.64 -13.23 -36.00
N SER A 162 29.25 -12.02 -35.58
CA SER A 162 29.55 -10.83 -36.37
C SER A 162 31.05 -10.63 -36.51
N SER A 163 31.80 -10.81 -35.42
CA SER A 163 33.24 -10.68 -35.49
C SER A 163 33.85 -11.72 -36.42
N PHE A 164 33.35 -12.96 -36.37
CA PHE A 164 33.98 -14.01 -37.15
C PHE A 164 33.53 -14.06 -38.60
N CYS A 165 32.44 -13.41 -38.98
CA CYS A 165 31.87 -13.69 -40.29
C CYS A 165 31.74 -12.49 -41.21
N SER A 166 31.81 -11.26 -40.70
CA SER A 166 31.54 -10.10 -41.53
C SER A 166 32.67 -9.83 -42.53
N LYS A 167 32.30 -9.21 -43.66
CA LYS A 167 33.29 -8.86 -44.68
C LYS A 167 34.10 -7.63 -44.31
N PHE A 168 33.50 -6.66 -43.64
CA PHE A 168 34.22 -5.50 -43.11
C PHE A 168 34.80 -5.77 -41.73
N LEU A 169 35.05 -7.03 -41.40
CA LEU A 169 35.52 -7.38 -40.06
C LEU A 169 36.34 -8.66 -40.20
N LYS A 170 36.56 -9.36 -39.09
CA LYS A 170 37.67 -10.30 -38.90
C LYS A 170 37.37 -11.70 -39.41
N PHE A 171 36.65 -11.80 -40.52
CA PHE A 171 36.17 -13.04 -41.13
C PHE A 171 37.15 -14.21 -41.06
N ASN A 172 36.62 -15.40 -40.79
CA ASN A 172 37.41 -16.61 -40.61
C ASN A 172 36.52 -17.80 -40.93
N GLU A 173 36.83 -18.52 -42.01
CA GLU A 173 35.89 -19.47 -42.60
C GLU A 173 35.48 -20.56 -41.60
N ASP A 174 36.44 -21.36 -41.16
CA ASP A 174 36.14 -22.54 -40.34
C ASP A 174 35.46 -22.14 -39.03
N ARG A 175 36.01 -21.13 -38.35
CA ARG A 175 35.44 -20.70 -37.08
C ARG A 175 34.09 -20.02 -37.27
N CYS A 176 33.91 -19.28 -38.36
CA CYS A 176 32.58 -18.72 -38.65
C CYS A 176 31.56 -19.83 -38.87
N PHE A 177 31.96 -20.91 -39.55
CA PHE A 177 31.04 -22.03 -39.70
C PHE A 177 30.70 -22.64 -38.35
N ARG A 178 31.71 -22.80 -37.50
CA ARG A 178 31.46 -23.36 -36.17
C ARG A 178 30.45 -22.51 -35.41
N VAL A 179 30.64 -21.19 -35.41
CA VAL A 179 29.76 -20.33 -34.62
C VAL A 179 28.35 -20.28 -35.24
N ASP A 180 28.27 -20.32 -36.57
CA ASP A 180 26.96 -20.35 -37.23
C ASP A 180 26.18 -21.61 -36.86
N MET A 181 26.83 -22.76 -36.93
CA MET A 181 26.14 -23.98 -36.54
C MET A 181 25.82 -24.01 -35.05
N VAL A 182 26.64 -23.39 -34.21
CA VAL A 182 26.31 -23.33 -32.79
C VAL A 182 25.01 -22.54 -32.57
N GLN A 183 24.91 -21.38 -33.23
CA GLN A 183 23.68 -20.59 -33.10
C GLN A 183 22.48 -21.33 -33.71
N ALA A 184 22.68 -22.04 -34.81
CA ALA A 184 21.61 -22.80 -35.42
C ALA A 184 21.12 -23.89 -34.49
N ALA A 185 22.05 -24.61 -33.87
CA ALA A 185 21.68 -25.62 -32.89
C ALA A 185 20.88 -25.00 -31.77
N LEU A 186 21.37 -23.88 -31.23
CA LEU A 186 20.61 -23.15 -30.22
C LEU A 186 19.17 -22.93 -30.66
N ILE A 187 18.98 -22.17 -31.75
CA ILE A 187 17.62 -21.79 -32.15
C ILE A 187 16.79 -23.01 -32.45
N MET A 188 17.13 -23.74 -33.52
CA MET A 188 16.26 -24.80 -34.00
C MET A 188 16.42 -26.11 -33.25
N GLY A 189 17.05 -26.13 -32.08
CA GLY A 189 17.08 -27.35 -31.32
C GLY A 189 16.83 -27.12 -29.86
N VAL A 190 16.68 -25.86 -29.45
CA VAL A 190 16.19 -25.57 -28.12
C VAL A 190 15.01 -24.62 -28.21
N LEU A 191 15.20 -23.48 -28.86
CA LEU A 191 14.22 -22.40 -28.73
C LEU A 191 12.95 -22.69 -29.53
N THR A 192 13.06 -23.45 -30.61
CA THR A 192 11.86 -23.82 -31.35
C THR A 192 11.14 -25.01 -30.70
N PRO A 193 11.83 -26.11 -30.39
CA PRO A 193 11.13 -27.21 -29.71
C PRO A 193 10.52 -26.80 -28.39
N VAL A 194 11.19 -25.94 -27.63
CA VAL A 194 10.66 -25.56 -26.33
C VAL A 194 9.36 -24.79 -26.48
N MET A 195 9.31 -23.85 -27.43
CA MET A 195 8.07 -23.10 -27.61
C MET A 195 6.96 -24.01 -28.12
N THR A 196 7.24 -24.83 -29.12
CA THR A 196 6.20 -25.69 -29.67
C THR A 196 5.67 -26.65 -28.61
N LEU A 197 6.57 -27.26 -27.83
CA LEU A 197 6.15 -28.20 -26.81
C LEU A 197 5.39 -27.49 -25.69
N SER A 198 5.83 -26.31 -25.27
CA SER A 198 5.13 -25.61 -24.20
C SER A 198 3.73 -25.23 -24.63
N SER A 199 3.58 -24.75 -25.86
CA SER A 199 2.26 -24.38 -26.32
C SER A 199 1.35 -25.59 -26.45
N LEU A 200 1.86 -26.69 -26.99
CA LEU A 200 1.04 -27.89 -27.10
C LEU A 200 0.67 -28.45 -25.73
N THR A 201 1.61 -28.41 -24.78
CA THR A 201 1.32 -28.86 -23.42
C THR A 201 0.26 -28.00 -22.75
N LEU A 202 0.36 -26.68 -22.90
CA LEU A 202 -0.69 -25.82 -22.37
C LEU A 202 -2.03 -26.13 -23.00
N PHE A 203 -2.05 -26.30 -24.33
CA PHE A 203 -3.28 -26.66 -25.03
C PHE A 203 -3.91 -27.90 -24.43
N VAL A 204 -3.13 -28.98 -24.31
CA VAL A 204 -3.70 -30.25 -23.87
C VAL A 204 -4.13 -30.18 -22.40
N TRP A 205 -3.37 -29.49 -21.56
CA TRP A 205 -3.75 -29.40 -20.15
C TRP A 205 -4.98 -28.54 -19.92
N VAL A 206 -5.07 -27.38 -20.57
CA VAL A 206 -6.27 -26.57 -20.40
C VAL A 206 -7.48 -27.26 -21.01
N ARG A 207 -7.29 -27.99 -22.11
CA ARG A 207 -8.38 -28.78 -22.67
C ARG A 207 -8.83 -29.85 -21.69
N ARG A 208 -7.88 -30.52 -21.02
CA ARG A 208 -8.23 -31.50 -20.01
C ARG A 208 -8.98 -30.85 -18.85
N SER A 209 -8.55 -29.67 -18.43
CA SER A 209 -9.09 -29.04 -17.23
C SER A 209 -10.29 -28.15 -17.49
N SER A 210 -10.70 -27.98 -18.74
CA SER A 210 -11.87 -27.18 -19.07
C SER A 210 -13.09 -28.03 -19.40
N GLN A 211 -13.01 -29.34 -19.16
CA GLN A 211 -14.15 -30.23 -19.40
C GLN A 211 -15.15 -30.20 -18.27
N GLN A 212 -15.02 -29.25 -17.35
CA GLN A 212 -15.94 -29.15 -16.22
C GLN A 212 -16.56 -27.76 -16.17
N TRP A 213 -15.79 -26.74 -16.53
CA TRP A 213 -16.30 -25.39 -16.51
C TRP A 213 -16.66 -24.92 -17.91
N ARG A 214 -17.88 -24.38 -18.04
CA ARG A 214 -18.61 -24.41 -19.30
C ARG A 214 -18.27 -23.24 -20.20
N ARG A 215 -17.50 -22.27 -19.71
CA ARG A 215 -17.11 -21.16 -20.56
C ARG A 215 -16.33 -21.64 -21.78
N GLN A 216 -15.57 -22.74 -21.62
CA GLN A 216 -14.88 -23.43 -22.71
C GLN A 216 -14.02 -22.48 -23.51
N PRO A 217 -12.83 -22.13 -23.01
CA PRO A 217 -12.06 -20.96 -23.47
C PRO A 217 -11.45 -21.12 -24.87
N THR A 218 -12.27 -20.91 -25.89
CA THR A 218 -11.79 -20.96 -27.26
C THR A 218 -10.79 -19.85 -27.57
N ARG A 219 -10.85 -18.73 -26.84
CA ARG A 219 -9.89 -17.67 -27.07
C ARG A 219 -8.47 -18.16 -26.78
N LEU A 220 -8.28 -18.94 -25.72
CA LEU A 220 -6.96 -19.44 -25.38
C LEU A 220 -6.43 -20.35 -26.48
N PHE A 221 -7.28 -21.24 -26.99
CA PHE A 221 -6.87 -22.11 -28.07
C PHE A 221 -6.47 -21.31 -29.29
N VAL A 222 -7.27 -20.29 -29.63
CA VAL A 222 -6.97 -19.45 -30.79
C VAL A 222 -5.62 -18.75 -30.60
N VAL A 223 -5.39 -18.18 -29.42
CA VAL A 223 -4.15 -17.43 -29.19
C VAL A 223 -2.94 -18.34 -29.25
N VAL A 224 -3.03 -19.54 -28.69
CA VAL A 224 -1.89 -20.44 -28.69
C VAL A 224 -1.56 -20.88 -30.11
N LEU A 225 -2.57 -21.34 -30.86
CA LEU A 225 -2.29 -21.77 -32.23
C LEU A 225 -1.81 -20.60 -33.09
N ALA A 226 -2.35 -19.41 -32.88
CA ALA A 226 -1.90 -18.25 -33.64
C ALA A 226 -0.44 -17.95 -33.35
N SER A 227 -0.05 -17.97 -32.07
CA SER A 227 1.33 -17.67 -31.72
C SER A 227 2.29 -18.67 -32.32
N VAL A 228 1.96 -19.96 -32.21
CA VAL A 228 2.88 -20.98 -32.72
C VAL A 228 2.94 -20.94 -34.24
N LEU A 229 1.80 -20.74 -34.90
CA LEU A 229 1.83 -20.68 -36.36
C LEU A 229 2.62 -19.48 -36.84
N VAL A 230 2.45 -18.33 -36.20
CA VAL A 230 3.24 -17.15 -36.58
C VAL A 230 4.71 -17.45 -36.40
N PHE A 231 5.09 -18.03 -35.27
CA PHE A 231 6.48 -18.40 -35.05
C PHE A 231 6.98 -19.27 -36.20
N LEU A 232 6.40 -20.46 -36.34
CA LEU A 232 6.92 -21.48 -37.26
C LEU A 232 6.81 -21.09 -38.73
N ILE A 233 5.93 -20.17 -39.11
CA ILE A 233 5.76 -19.82 -40.51
C ILE A 233 6.33 -18.44 -40.86
N CYS A 234 6.50 -17.55 -39.89
CA CYS A 234 6.99 -16.21 -40.16
C CYS A 234 8.36 -15.91 -39.57
N SER A 235 8.66 -16.37 -38.35
CA SER A 235 9.93 -16.00 -37.75
C SER A 235 11.07 -16.95 -38.13
N LEU A 236 10.81 -18.23 -38.11
CA LEU A 236 11.79 -19.28 -38.36
C LEU A 236 12.34 -19.38 -39.78
N PRO A 237 11.61 -18.96 -40.83
CA PRO A 237 12.16 -19.10 -42.18
C PRO A 237 13.49 -18.41 -42.41
N LEU A 238 13.88 -17.42 -41.61
CA LEU A 238 15.18 -16.80 -41.81
C LEU A 238 16.30 -17.74 -41.39
N SER A 239 16.13 -18.40 -40.25
CA SER A 239 17.07 -19.45 -39.87
C SER A 239 17.07 -20.58 -40.89
N ILE A 240 15.89 -20.91 -41.43
CA ILE A 240 15.83 -21.94 -42.44
C ILE A 240 16.62 -21.55 -43.67
N TYR A 241 16.52 -20.28 -44.09
CA TYR A 241 17.30 -19.83 -45.24
C TYR A 241 18.79 -19.95 -44.96
N TRP A 242 19.22 -19.51 -43.78
CA TRP A 242 20.65 -19.57 -43.49
C TRP A 242 21.14 -20.99 -43.33
N PHE A 243 20.24 -21.94 -43.08
CA PHE A 243 20.65 -23.34 -43.15
C PHE A 243 20.73 -23.83 -44.58
N VAL A 244 19.78 -23.42 -45.41
CA VAL A 244 19.70 -23.95 -46.77
C VAL A 244 20.85 -23.43 -47.61
N LEU A 245 21.24 -22.17 -47.41
CA LEU A 245 22.34 -21.61 -48.20
C LEU A 245 23.62 -22.39 -47.99
N TYR A 246 23.89 -22.80 -46.76
CA TYR A 246 25.07 -23.60 -46.48
C TYR A 246 24.99 -24.98 -47.12
N TRP A 247 23.87 -25.69 -46.93
CA TRP A 247 23.82 -27.12 -47.19
C TRP A 247 23.02 -27.50 -48.43
N LEU A 248 22.62 -26.54 -49.26
CA LEU A 248 21.89 -26.87 -50.48
C LEU A 248 22.19 -25.77 -51.50
N SER A 249 23.03 -26.10 -52.47
CA SER A 249 23.42 -25.12 -53.49
C SER A 249 22.21 -24.62 -54.24
N LEU A 250 21.94 -23.32 -54.17
CA LEU A 250 20.78 -22.72 -54.80
C LEU A 250 21.20 -21.76 -55.90
N PRO A 251 20.49 -21.74 -57.02
CA PRO A 251 20.77 -20.75 -58.06
C PRO A 251 20.40 -19.36 -57.58
N PRO A 252 20.92 -18.31 -58.22
CA PRO A 252 20.62 -16.96 -57.71
C PRO A 252 19.20 -16.51 -57.97
N GLU A 253 18.57 -16.91 -59.07
CA GLU A 253 17.24 -16.42 -59.39
C GLU A 253 16.22 -16.84 -58.34
N MET A 254 16.57 -17.81 -57.48
CA MET A 254 15.71 -18.20 -56.38
C MET A 254 16.24 -17.76 -55.02
N GLN A 255 17.53 -17.44 -54.92
CA GLN A 255 18.09 -17.07 -53.62
C GLN A 255 17.61 -15.71 -53.17
N VAL A 256 17.63 -14.72 -54.06
CA VAL A 256 17.12 -13.42 -53.70
C VAL A 256 15.63 -13.51 -53.37
N LEU A 257 14.89 -14.32 -54.12
CA LEU A 257 13.47 -14.51 -53.82
C LEU A 257 13.26 -15.14 -52.45
N CYS A 258 14.04 -16.17 -52.13
CA CYS A 258 13.92 -16.81 -50.83
C CYS A 258 14.19 -15.81 -49.72
N PHE A 259 15.26 -15.03 -49.86
CA PHE A 259 15.60 -14.10 -48.80
C PHE A 259 14.58 -13.00 -48.68
N SER A 260 14.03 -12.52 -49.79
CA SER A 260 13.09 -11.41 -49.68
C SER A 260 11.73 -11.89 -49.19
N LEU A 261 11.34 -13.12 -49.51
CA LEU A 261 10.14 -13.69 -48.92
C LEU A 261 10.32 -13.92 -47.43
N SER A 262 11.50 -14.41 -47.02
CA SER A 262 11.78 -14.56 -45.61
C SER A 262 11.80 -13.21 -44.91
N ARG A 263 12.27 -12.20 -45.60
CA ARG A 263 12.17 -10.81 -45.15
C ARG A 263 10.74 -10.40 -44.88
N LEU A 264 9.85 -10.58 -45.86
CA LEU A 264 8.47 -10.20 -45.68
C LEU A 264 7.84 -10.99 -44.54
N SER A 265 8.15 -12.29 -44.46
CA SER A 265 7.53 -13.14 -43.45
C SER A 265 7.96 -12.75 -42.05
N SER A 266 9.25 -12.47 -41.86
CA SER A 266 9.71 -12.03 -40.55
C SER A 266 9.16 -10.67 -40.20
N SER A 267 8.97 -9.79 -41.19
CA SER A 267 8.33 -8.52 -40.90
C SER A 267 6.90 -8.72 -40.43
N VAL A 268 6.17 -9.64 -41.08
CA VAL A 268 4.81 -9.94 -40.65
C VAL A 268 4.80 -10.47 -39.23
N SER A 269 5.79 -11.29 -38.88
CA SER A 269 5.90 -11.79 -37.51
C SER A 269 6.12 -10.66 -36.51
N SER A 270 7.12 -9.82 -36.77
CA SER A 270 7.46 -8.77 -35.81
C SER A 270 6.41 -7.67 -35.77
N SER A 271 5.52 -7.62 -36.77
CA SER A 271 4.41 -6.68 -36.74
C SER A 271 3.15 -7.26 -36.14
N ALA A 272 3.00 -8.59 -36.18
CA ALA A 272 1.84 -9.23 -35.59
C ALA A 272 2.04 -9.59 -34.12
N ASN A 273 3.28 -9.66 -33.65
CA ASN A 273 3.50 -9.91 -32.24
C ASN A 273 2.73 -8.96 -31.31
N PRO A 274 2.64 -7.65 -31.58
CA PRO A 274 1.86 -6.79 -30.66
C PRO A 274 0.40 -7.17 -30.60
N VAL A 275 -0.29 -7.26 -31.74
CA VAL A 275 -1.72 -7.56 -31.72
C VAL A 275 -1.98 -8.95 -31.14
N ILE A 276 -1.00 -9.86 -31.25
CA ILE A 276 -1.21 -11.22 -30.76
C ILE A 276 -0.95 -11.31 -29.26
N TYR A 277 -0.03 -10.51 -28.73
CA TYR A 277 0.40 -10.68 -27.35
C TYR A 277 -0.08 -9.59 -26.41
N PHE A 278 -0.04 -8.33 -26.82
CA PHE A 278 -0.42 -7.21 -25.96
C PHE A 278 -1.92 -6.92 -26.00
N LEU A 279 -2.48 -6.78 -27.20
CA LEU A 279 -3.87 -6.36 -27.34
C LEU A 279 -4.86 -7.37 -26.78
N VAL A 280 -4.45 -8.62 -26.56
CA VAL A 280 -5.35 -9.60 -25.97
C VAL A 280 -4.81 -10.04 -24.62
N VAL B 5 21.21 16.84 1.13
CA VAL B 5 20.45 16.45 2.31
C VAL B 5 21.37 16.36 3.52
N SER B 6 20.82 16.66 4.69
CA SER B 6 21.59 16.67 5.92
C SER B 6 21.92 15.24 6.35
N ALA B 7 22.81 15.13 7.33
CA ALA B 7 23.16 13.82 7.87
C ALA B 7 21.94 13.16 8.50
N GLU B 8 21.14 13.93 9.23
CA GLU B 8 19.89 13.42 9.79
C GLU B 8 18.96 12.91 8.70
N ASP B 9 18.84 13.67 7.61
CA ASP B 9 17.98 13.25 6.51
C ASP B 9 18.48 11.98 5.84
N LYS B 10 19.79 11.86 5.66
CA LYS B 10 20.34 10.63 5.11
C LYS B 10 20.05 9.44 6.00
N ALA B 11 20.21 9.61 7.32
CA ALA B 11 19.94 8.49 8.20
C ALA B 11 18.46 8.14 8.24
N ALA B 12 17.59 9.15 8.11
CA ALA B 12 16.17 8.88 7.97
C ALA B 12 15.88 8.07 6.71
N ALA B 13 16.55 8.41 5.61
CA ALA B 13 16.40 7.65 4.38
C ALA B 13 16.84 6.20 4.56
N GLU B 14 17.92 5.98 5.30
CA GLU B 14 18.38 4.62 5.54
C GLU B 14 17.38 3.84 6.39
N ARG B 15 16.81 4.48 7.41
CA ARG B 15 15.74 3.85 8.17
C ARG B 15 14.57 3.47 7.28
N SER B 16 14.20 4.37 6.36
CA SER B 16 13.11 4.07 5.44
C SER B 16 13.43 2.88 4.55
N LYS B 17 14.68 2.79 4.08
CA LYS B 17 15.05 1.64 3.26
C LYS B 17 14.98 0.34 4.04
N MET B 18 15.43 0.35 5.29
CA MET B 18 15.32 -0.87 6.09
C MET B 18 13.87 -1.24 6.35
N ILE B 19 13.01 -0.25 6.58
CA ILE B 19 11.59 -0.54 6.74
C ILE B 19 11.02 -1.15 5.46
N ASP B 20 11.45 -0.65 4.31
CA ASP B 20 11.01 -1.23 3.04
C ASP B 20 11.45 -2.69 2.91
N LYS B 21 12.70 -2.97 3.27
CA LYS B 21 13.18 -4.35 3.19
C LYS B 21 12.38 -5.28 4.09
N ASN B 22 12.13 -4.86 5.32
CA ASN B 22 11.35 -5.70 6.23
C ASN B 22 9.92 -5.88 5.74
N LEU B 23 9.34 -4.81 5.20
CA LEU B 23 8.00 -4.88 4.63
C LEU B 23 7.93 -5.90 3.51
N ARG B 24 8.91 -5.85 2.60
CA ARG B 24 8.93 -6.77 1.47
C ARG B 24 9.09 -8.21 1.92
N GLU B 25 9.95 -8.44 2.91
CA GLU B 25 10.14 -9.79 3.41
C GLU B 25 8.85 -10.36 3.99
N ASP B 26 8.18 -9.57 4.84
CA ASP B 26 6.92 -10.02 5.40
C ASP B 26 5.86 -10.21 4.32
N GLY B 27 5.85 -9.35 3.31
CA GLY B 27 4.87 -9.50 2.23
C GLY B 27 5.07 -10.78 1.45
N GLU B 28 6.31 -11.14 1.16
CA GLU B 28 6.57 -12.42 0.51
C GLU B 28 6.10 -13.58 1.37
N LYS B 29 6.42 -13.53 2.67
CA LYS B 29 5.97 -14.60 3.56
C LYS B 29 4.45 -14.73 3.53
N ALA B 30 3.74 -13.60 3.53
CA ALA B 30 2.29 -13.64 3.44
C ALA B 30 1.83 -14.19 2.10
N ARG B 31 2.56 -13.89 1.02
CA ARG B 31 2.19 -14.41 -0.29
C ARG B 31 2.28 -15.93 -0.33
N ARG B 32 3.20 -16.52 0.42
CA ARG B 32 3.18 -17.99 0.37
C ARG B 32 1.93 -18.63 1.02
N THR B 33 0.88 -17.98 1.49
CA THR B 33 -0.25 -18.68 2.08
C THR B 33 -1.55 -18.28 1.39
N LEU B 34 -2.54 -19.15 1.50
CA LEU B 34 -3.83 -18.98 0.84
C LEU B 34 -4.92 -18.74 1.88
N ARG B 35 -5.79 -17.80 1.59
CA ARG B 35 -6.74 -17.22 2.54
C ARG B 35 -8.16 -17.61 2.16
N LEU B 36 -8.89 -18.18 3.12
CA LEU B 36 -10.22 -18.71 2.91
C LEU B 36 -11.19 -18.07 3.90
N LEU B 37 -12.44 -17.92 3.47
CA LEU B 37 -13.49 -17.41 4.33
C LEU B 37 -14.53 -18.51 4.54
N LEU B 38 -14.79 -18.82 5.80
CA LEU B 38 -15.75 -19.85 6.18
C LEU B 38 -17.08 -19.20 6.54
N LEU B 39 -18.09 -19.45 5.74
CA LEU B 39 -19.43 -18.90 5.96
C LEU B 39 -20.43 -20.04 6.14
N GLY B 40 -21.58 -19.68 6.68
CA GLY B 40 -22.59 -20.65 7.06
C GLY B 40 -23.30 -20.15 8.30
N ALA B 41 -24.63 -20.13 8.26
CA ALA B 41 -25.38 -19.42 9.29
C ALA B 41 -25.18 -20.07 10.66
N ASP B 42 -25.65 -21.29 10.82
CA ASP B 42 -25.59 -22.03 12.07
C ASP B 42 -26.06 -23.44 11.75
N ASN B 43 -26.08 -24.29 12.76
CA ASN B 43 -26.48 -25.70 12.69
C ASN B 43 -26.01 -26.33 11.38
N SER B 44 -24.80 -25.98 10.96
CA SER B 44 -24.23 -26.41 9.70
C SER B 44 -22.96 -27.22 9.85
N GLY B 45 -22.24 -27.08 10.96
CA GLY B 45 -21.02 -27.81 11.16
C GLY B 45 -19.79 -27.14 10.59
N LYS B 46 -19.73 -25.81 10.68
CA LYS B 46 -18.54 -25.11 10.21
C LYS B 46 -17.31 -25.54 10.98
N SER B 47 -17.44 -25.63 12.31
CA SER B 47 -16.32 -25.93 13.17
C SER B 47 -15.74 -27.32 12.92
N THR B 48 -16.47 -28.19 12.23
CA THR B 48 -16.08 -29.58 12.09
C THR B 48 -16.06 -30.02 10.63
N ILE B 49 -15.49 -29.21 9.75
CA ILE B 49 -15.23 -29.64 8.38
C ILE B 49 -13.79 -30.08 8.20
N VAL B 50 -12.84 -29.31 8.70
CA VAL B 50 -11.43 -29.67 8.62
C VAL B 50 -11.00 -30.15 10.00
N LYS B 51 -11.15 -31.44 10.25
CA LYS B 51 -10.90 -31.99 11.57
C LYS B 51 -9.40 -32.19 11.80
N GLY B 68 -13.50 -12.10 18.00
CA GLY B 68 -14.16 -11.60 16.80
C GLY B 68 -14.00 -12.52 15.61
N ILE B 69 -12.77 -13.01 15.41
CA ILE B 69 -12.44 -13.91 14.32
C ILE B 69 -11.70 -15.11 14.87
N PHE B 70 -12.19 -16.31 14.54
CA PHE B 70 -11.45 -17.53 14.79
C PHE B 70 -10.72 -17.93 13.52
N GLU B 71 -9.42 -18.18 13.63
CA GLU B 71 -8.58 -18.49 12.48
C GLU B 71 -8.05 -19.91 12.64
N THR B 72 -8.26 -20.74 11.63
CA THR B 72 -7.75 -22.10 11.61
C THR B 72 -6.72 -22.22 10.51
N LYS B 73 -5.53 -22.69 10.87
CA LYS B 73 -4.43 -22.90 9.92
C LYS B 73 -4.33 -24.39 9.62
N PHE B 74 -4.17 -24.71 8.34
CA PHE B 74 -3.88 -26.07 7.93
C PHE B 74 -3.11 -26.02 6.62
N GLN B 75 -2.42 -27.11 6.33
CA GLN B 75 -1.73 -27.20 5.05
C GLN B 75 -1.99 -28.56 4.44
N VAL B 76 -2.10 -28.59 3.12
CA VAL B 76 -2.25 -29.82 2.37
C VAL B 76 -1.28 -29.79 1.19
N ASP B 77 -0.49 -30.84 1.06
CA ASP B 77 0.55 -30.94 0.03
C ASP B 77 1.47 -29.73 0.08
N LYS B 78 1.95 -29.42 1.29
CA LYS B 78 2.96 -28.39 1.52
C LYS B 78 2.49 -27.02 1.04
N VAL B 79 1.19 -26.78 1.04
CA VAL B 79 0.63 -25.49 0.68
C VAL B 79 -0.16 -24.99 1.87
N ASN B 80 0.18 -23.79 2.33
CA ASN B 80 -0.37 -23.26 3.55
C ASN B 80 -1.76 -22.69 3.33
N PHE B 81 -2.69 -23.02 4.22
CA PHE B 81 -4.04 -22.52 4.16
C PHE B 81 -4.39 -21.81 5.46
N HIS B 82 -5.27 -20.83 5.36
CA HIS B 82 -5.57 -19.93 6.46
C HIS B 82 -7.04 -19.55 6.36
N MET B 83 -7.85 -20.03 7.31
CA MET B 83 -9.29 -19.96 7.22
C MET B 83 -9.84 -19.08 8.34
N PHE B 84 -10.78 -18.20 8.01
CA PHE B 84 -11.39 -17.31 8.99
C PHE B 84 -12.89 -17.53 9.05
N ASP B 85 -13.43 -17.49 10.26
CA ASP B 85 -14.87 -17.34 10.45
C ASP B 85 -15.11 -16.27 11.51
N VAL B 86 -16.20 -15.54 11.33
CA VAL B 86 -16.54 -14.45 12.20
C VAL B 86 -17.66 -14.89 13.14
N GLY B 87 -17.92 -14.09 14.17
CA GLY B 87 -18.94 -14.40 15.13
C GLY B 87 -18.95 -13.43 16.30
N ARG B 93 -23.55 -9.52 7.69
CA ARG B 93 -22.36 -9.71 6.88
C ARG B 93 -22.29 -8.69 5.77
N ARG B 94 -23.32 -7.86 5.69
CA ARG B 94 -23.47 -6.99 4.52
C ARG B 94 -22.40 -5.91 4.44
N LYS B 95 -21.61 -5.71 5.47
CA LYS B 95 -20.65 -4.61 5.45
C LYS B 95 -19.21 -5.05 5.60
N TRP B 96 -18.93 -6.02 6.45
CA TRP B 96 -17.57 -6.47 6.64
C TRP B 96 -17.13 -7.48 5.59
N ILE B 97 -18.01 -7.84 4.66
CA ILE B 97 -17.65 -8.76 3.60
C ILE B 97 -16.79 -8.07 2.56
N GLN B 98 -16.77 -6.72 2.55
CA GLN B 98 -15.87 -6.01 1.66
C GLN B 98 -14.42 -6.31 1.98
N CYS B 99 -14.14 -6.67 3.23
CA CYS B 99 -12.76 -6.96 3.63
C CYS B 99 -12.21 -8.17 2.89
N PHE B 100 -13.05 -9.16 2.62
CA PHE B 100 -12.64 -10.38 1.96
C PHE B 100 -12.93 -10.38 0.46
N ASN B 101 -12.50 -9.35 -0.25
CA ASN B 101 -12.61 -9.37 -1.70
C ASN B 101 -11.41 -10.03 -2.36
N ASP B 102 -10.36 -10.31 -1.60
CA ASP B 102 -9.12 -10.82 -2.14
C ASP B 102 -8.82 -12.24 -1.67
N VAL B 103 -9.73 -12.87 -0.94
CA VAL B 103 -9.50 -14.25 -0.53
C VAL B 103 -9.57 -15.16 -1.74
N THR B 104 -8.91 -16.32 -1.64
CA THR B 104 -8.91 -17.27 -2.74
C THR B 104 -10.30 -17.86 -2.98
N ALA B 105 -10.98 -18.25 -1.91
CA ALA B 105 -12.29 -18.89 -2.06
C ALA B 105 -13.11 -18.66 -0.80
N ILE B 106 -14.41 -18.85 -0.92
CA ILE B 106 -15.36 -18.80 0.18
C ILE B 106 -15.87 -20.21 0.42
N ILE B 107 -15.93 -20.61 1.67
CA ILE B 107 -16.38 -21.95 2.00
C ILE B 107 -17.76 -21.89 2.65
N PHE B 108 -18.79 -22.00 1.84
CA PHE B 108 -20.17 -21.94 2.32
C PHE B 108 -20.60 -23.34 2.74
N VAL B 109 -20.84 -23.52 4.03
CA VAL B 109 -21.27 -24.79 4.59
C VAL B 109 -22.77 -24.73 4.80
N VAL B 110 -23.47 -25.76 4.36
CA VAL B 110 -24.92 -25.84 4.44
C VAL B 110 -25.31 -27.21 4.98
N ASP B 111 -26.26 -27.21 5.90
CA ASP B 111 -26.86 -28.43 6.43
C ASP B 111 -27.91 -28.90 5.44
N SER B 112 -27.62 -29.99 4.74
CA SER B 112 -28.58 -30.51 3.78
C SER B 112 -29.65 -31.38 4.43
N SER B 113 -29.53 -31.69 5.72
CA SER B 113 -30.54 -32.49 6.40
C SER B 113 -31.78 -31.69 6.74
N ASP B 114 -31.64 -30.42 7.09
CA ASP B 114 -32.79 -29.60 7.45
C ASP B 114 -33.44 -29.03 6.21
N TYR B 115 -34.76 -29.11 6.16
CA TYR B 115 -35.53 -28.54 5.05
C TYR B 115 -36.27 -27.29 5.43
N ASN B 116 -36.56 -27.09 6.72
CA ASN B 116 -37.17 -25.83 7.14
C ASN B 116 -36.25 -24.65 6.86
N ARG B 117 -34.96 -24.84 7.05
CA ARG B 117 -33.98 -23.79 6.93
C ARG B 117 -33.25 -23.81 5.59
N LEU B 118 -33.70 -24.63 4.64
CA LEU B 118 -32.98 -24.78 3.39
C LEU B 118 -33.21 -23.60 2.47
N GLN B 119 -34.43 -23.07 2.44
CA GLN B 119 -34.67 -21.89 1.63
C GLN B 119 -33.90 -20.68 2.19
N GLU B 120 -33.78 -20.60 3.51
CA GLU B 120 -32.93 -19.57 4.10
C GLU B 120 -31.50 -19.72 3.64
N ALA B 121 -31.01 -20.96 3.57
CA ALA B 121 -29.66 -21.21 3.06
C ALA B 121 -29.54 -20.79 1.60
N LEU B 122 -30.57 -21.03 0.80
CA LEU B 122 -30.55 -20.62 -0.60
C LEU B 122 -30.51 -19.11 -0.74
N ASN B 123 -31.30 -18.39 0.07
CA ASN B 123 -31.24 -16.93 0.03
C ASN B 123 -29.88 -16.40 0.49
N ASP B 124 -29.31 -17.02 1.53
CA ASP B 124 -27.99 -16.61 2.00
C ASP B 124 -26.95 -16.79 0.91
N PHE B 125 -26.97 -17.95 0.25
CA PHE B 125 -26.03 -18.20 -0.83
C PHE B 125 -26.25 -17.23 -1.98
N LYS B 126 -27.51 -16.89 -2.26
CA LYS B 126 -27.81 -15.96 -3.35
C LYS B 126 -27.30 -14.57 -3.02
N SER B 127 -27.35 -14.19 -1.75
CA SER B 127 -26.77 -12.92 -1.33
C SER B 127 -25.27 -12.91 -1.51
N ILE B 128 -24.61 -14.00 -1.12
CA ILE B 128 -23.16 -14.07 -1.22
C ILE B 128 -22.72 -14.05 -2.68
N TRP B 129 -23.38 -14.86 -3.51
CA TRP B 129 -23.00 -15.01 -4.90
C TRP B 129 -23.13 -13.71 -5.67
N ASN B 130 -24.19 -12.95 -5.40
CA ASN B 130 -24.53 -11.74 -6.14
C ASN B 130 -24.07 -10.48 -5.44
N ASN B 131 -23.12 -10.58 -4.52
CA ASN B 131 -22.56 -9.41 -3.88
C ASN B 131 -21.55 -8.75 -4.82
N ARG B 132 -21.54 -7.42 -4.83
CA ARG B 132 -20.74 -6.70 -5.81
C ARG B 132 -19.24 -6.81 -5.53
N TRP B 133 -18.85 -7.25 -4.34
CA TRP B 133 -17.44 -7.42 -4.01
C TRP B 133 -16.95 -8.84 -4.21
N LEU B 134 -17.85 -9.81 -4.17
CA LEU B 134 -17.53 -11.20 -4.43
C LEU B 134 -17.86 -11.59 -5.87
N ARG B 135 -17.66 -10.66 -6.81
CA ARG B 135 -17.92 -10.91 -8.22
C ARG B 135 -16.82 -11.73 -8.88
N THR B 136 -15.71 -11.97 -8.19
CA THR B 136 -14.63 -12.82 -8.70
C THR B 136 -14.26 -13.94 -7.74
N ILE B 137 -15.03 -14.14 -6.68
CA ILE B 137 -14.68 -15.09 -5.63
C ILE B 137 -15.51 -16.35 -5.80
N SER B 138 -14.83 -17.48 -5.94
CA SER B 138 -15.49 -18.76 -6.04
C SER B 138 -15.95 -19.24 -4.68
N VAL B 139 -16.89 -20.18 -4.69
CA VAL B 139 -17.43 -20.77 -3.48
C VAL B 139 -17.23 -22.26 -3.52
N ILE B 140 -16.62 -22.80 -2.47
CA ILE B 140 -16.56 -24.24 -2.27
C ILE B 140 -17.73 -24.59 -1.34
N LEU B 141 -18.72 -25.26 -1.89
CA LEU B 141 -19.98 -25.48 -1.21
C LEU B 141 -19.97 -26.88 -0.58
N PHE B 142 -20.15 -26.93 0.73
CA PHE B 142 -20.11 -28.18 1.47
C PHE B 142 -21.53 -28.52 1.95
N LEU B 143 -22.21 -29.35 1.17
CA LEU B 143 -23.55 -29.80 1.51
C LEU B 143 -23.44 -30.80 2.65
N ASN B 144 -23.41 -30.29 3.87
CA ASN B 144 -22.94 -31.05 5.02
C ASN B 144 -24.06 -31.90 5.59
N LYS B 145 -23.67 -32.90 6.39
CA LYS B 145 -24.58 -33.78 7.11
C LYS B 145 -25.46 -34.56 6.16
N GLN B 146 -24.83 -35.37 5.31
CA GLN B 146 -25.57 -36.21 4.39
C GLN B 146 -25.92 -37.57 4.98
N ASP B 147 -25.33 -37.94 6.11
CA ASP B 147 -25.79 -39.13 6.81
C ASP B 147 -27.15 -38.90 7.46
N LEU B 148 -27.35 -37.72 8.05
CA LEU B 148 -28.66 -37.38 8.59
C LEU B 148 -29.69 -37.23 7.47
N LEU B 149 -29.28 -36.68 6.32
CA LEU B 149 -30.15 -36.66 5.16
C LEU B 149 -30.52 -38.06 4.71
N ALA B 150 -29.55 -38.97 4.70
CA ALA B 150 -29.84 -40.34 4.31
C ALA B 150 -30.86 -40.95 5.25
N GLU B 151 -30.70 -40.74 6.56
CA GLU B 151 -31.67 -41.27 7.51
C GLU B 151 -33.06 -40.69 7.27
N LYS B 152 -33.14 -39.37 7.10
CA LYS B 152 -34.46 -38.74 6.93
C LYS B 152 -35.14 -39.19 5.65
N VAL B 153 -34.38 -39.31 4.56
CA VAL B 153 -34.98 -39.73 3.29
C VAL B 153 -35.37 -41.20 3.33
N LEU B 154 -34.53 -42.05 3.93
CA LEU B 154 -34.85 -43.46 4.02
C LEU B 154 -36.08 -43.70 4.88
N ALA B 155 -36.17 -43.03 6.03
CA ALA B 155 -37.32 -43.24 6.92
C ALA B 155 -38.59 -42.67 6.30
N GLY B 156 -38.46 -41.60 5.53
CA GLY B 156 -39.61 -41.04 4.82
C GLY B 156 -40.56 -40.23 5.65
N LYS B 157 -40.19 -39.89 6.89
CA LYS B 157 -41.09 -39.11 7.74
C LYS B 157 -41.33 -37.72 7.16
N SER B 158 -40.28 -37.08 6.65
CA SER B 158 -40.37 -35.74 6.10
C SER B 158 -40.12 -35.79 4.60
N LYS B 159 -40.85 -34.96 3.85
CA LYS B 159 -40.78 -34.96 2.40
C LYS B 159 -40.31 -33.61 1.89
N ILE B 160 -39.42 -33.64 0.90
CA ILE B 160 -38.95 -32.42 0.26
C ILE B 160 -40.10 -31.67 -0.38
N GLU B 161 -41.03 -32.40 -0.99
CA GLU B 161 -42.10 -31.77 -1.75
C GLU B 161 -42.93 -30.83 -0.88
N ASP B 162 -42.98 -31.08 0.43
CA ASP B 162 -43.71 -30.19 1.32
C ASP B 162 -43.04 -28.83 1.40
N TYR B 163 -41.73 -28.77 1.19
CA TYR B 163 -40.98 -27.53 1.25
C TYR B 163 -40.55 -27.04 -0.12
N PHE B 164 -40.19 -27.94 -1.02
CA PHE B 164 -39.90 -27.60 -2.41
C PHE B 164 -40.88 -28.33 -3.30
N PRO B 165 -41.92 -27.66 -3.80
CA PRO B 165 -42.94 -28.37 -4.58
C PRO B 165 -42.40 -29.06 -5.81
N GLU B 166 -41.34 -28.53 -6.42
CA GLU B 166 -40.85 -29.04 -7.69
C GLU B 166 -40.09 -30.33 -7.57
N PHE B 167 -40.18 -31.02 -6.43
CA PHE B 167 -39.40 -32.24 -6.23
C PHE B 167 -40.15 -33.48 -6.64
N ALA B 168 -41.49 -33.45 -6.60
CA ALA B 168 -42.25 -34.57 -7.14
C ALA B 168 -41.95 -34.78 -8.61
N ARG B 169 -41.63 -33.71 -9.33
CA ARG B 169 -41.31 -33.77 -10.76
C ARG B 169 -39.81 -33.72 -11.01
N TYR B 170 -39.00 -34.32 -10.15
CA TYR B 170 -37.56 -34.41 -10.35
C TYR B 170 -37.17 -35.87 -10.49
N THR B 171 -36.43 -36.17 -11.55
CA THR B 171 -35.82 -37.48 -11.76
C THR B 171 -34.32 -37.29 -11.90
N THR B 172 -33.56 -38.19 -11.29
CA THR B 172 -32.12 -38.06 -11.31
C THR B 172 -31.59 -38.18 -12.73
N PRO B 173 -30.57 -37.40 -13.10
CA PRO B 173 -30.00 -37.41 -14.46
C PRO B 173 -29.00 -38.54 -14.68
N ASP B 183 -28.78 -45.85 -2.55
CA ASP B 183 -30.24 -45.92 -2.67
C ASP B 183 -30.68 -44.82 -3.62
N PRO B 184 -31.53 -45.15 -4.58
CA PRO B 184 -31.89 -44.16 -5.60
C PRO B 184 -32.55 -42.91 -5.05
N ARG B 185 -33.47 -43.07 -4.11
CA ARG B 185 -34.23 -41.92 -3.57
C ARG B 185 -33.38 -40.95 -2.79
N VAL B 186 -32.46 -41.44 -1.98
CA VAL B 186 -31.54 -40.55 -1.27
C VAL B 186 -30.65 -39.81 -2.26
N THR B 187 -30.25 -40.50 -3.34
CA THR B 187 -29.49 -39.82 -4.38
C THR B 187 -30.31 -38.74 -5.04
N ARG B 188 -31.58 -39.01 -5.30
CA ARG B 188 -32.45 -38.00 -5.89
C ARG B 188 -32.54 -36.78 -5.00
N ALA B 189 -32.69 -37.00 -3.69
CA ALA B 189 -32.75 -35.88 -2.75
C ALA B 189 -31.48 -35.03 -2.80
N LYS B 190 -30.32 -35.68 -2.67
CA LYS B 190 -29.09 -34.90 -2.57
C LYS B 190 -28.76 -34.22 -3.90
N TYR B 191 -29.03 -34.89 -5.02
CA TYR B 191 -28.82 -34.27 -6.31
C TYR B 191 -29.75 -33.08 -6.53
N PHE B 192 -30.98 -33.17 -6.02
CA PHE B 192 -31.91 -32.05 -6.12
C PHE B 192 -31.42 -30.84 -5.36
N ILE B 193 -30.96 -31.06 -4.12
CA ILE B 193 -30.49 -29.94 -3.31
C ILE B 193 -29.27 -29.29 -3.96
N ARG B 194 -28.32 -30.12 -4.42
CA ARG B 194 -27.16 -29.57 -5.09
C ARG B 194 -27.58 -28.85 -6.38
N LYS B 195 -28.63 -29.32 -7.03
CA LYS B 195 -29.10 -28.68 -8.25
C LYS B 195 -29.65 -27.29 -7.97
N GLU B 196 -30.39 -27.12 -6.88
CA GLU B 196 -30.82 -25.77 -6.52
C GLU B 196 -29.65 -24.85 -6.30
N PHE B 197 -28.63 -25.31 -5.58
CA PHE B 197 -27.51 -24.42 -5.33
C PHE B 197 -26.75 -24.09 -6.60
N VAL B 198 -26.55 -25.07 -7.47
CA VAL B 198 -25.81 -24.82 -8.70
C VAL B 198 -26.65 -24.01 -9.69
N ASP B 199 -27.97 -24.04 -9.59
CA ASP B 199 -28.80 -23.17 -10.43
C ASP B 199 -28.80 -21.74 -9.93
N ILE B 200 -28.69 -21.52 -8.62
CA ILE B 200 -28.42 -20.18 -8.14
C ILE B 200 -27.08 -19.69 -8.66
N SER B 201 -26.08 -20.55 -8.62
CA SER B 201 -24.74 -20.17 -9.06
C SER B 201 -24.70 -19.85 -10.55
N THR B 202 -25.36 -20.66 -11.36
CA THR B 202 -25.23 -20.57 -12.81
C THR B 202 -25.97 -19.38 -13.37
N ALA B 203 -27.02 -18.93 -12.69
CA ALA B 203 -27.91 -17.93 -13.26
C ALA B 203 -27.19 -16.63 -13.57
N SER B 204 -26.44 -16.10 -12.61
CA SER B 204 -25.90 -14.76 -12.71
C SER B 204 -24.39 -14.73 -12.59
N GLY B 205 -23.72 -15.88 -12.69
CA GLY B 205 -22.28 -15.90 -12.51
C GLY B 205 -21.52 -15.17 -13.60
N ASP B 206 -21.92 -15.38 -14.85
CA ASP B 206 -21.27 -14.83 -16.04
C ASP B 206 -19.88 -15.39 -16.27
N GLY B 207 -19.50 -16.46 -15.56
CA GLY B 207 -18.24 -17.12 -15.80
C GLY B 207 -17.03 -16.53 -15.12
N ARG B 208 -17.19 -15.43 -14.37
CA ARG B 208 -16.06 -14.87 -13.65
C ARG B 208 -15.75 -15.62 -12.36
N HIS B 209 -16.67 -16.46 -11.88
CA HIS B 209 -16.45 -17.29 -10.71
C HIS B 209 -17.46 -18.42 -10.71
N ILE B 210 -17.05 -19.58 -10.23
CA ILE B 210 -17.92 -20.74 -10.24
C ILE B 210 -18.09 -21.29 -8.82
N CYS B 211 -18.87 -22.35 -8.70
CA CYS B 211 -19.20 -22.96 -7.41
C CYS B 211 -18.89 -24.44 -7.48
N TYR B 212 -18.21 -24.95 -6.46
CA TYR B 212 -17.83 -26.35 -6.42
C TYR B 212 -18.61 -27.07 -5.32
N PRO B 213 -19.63 -27.83 -5.65
CA PRO B 213 -20.44 -28.47 -4.60
C PRO B 213 -19.92 -29.84 -4.19
N HIS B 214 -19.64 -30.02 -2.91
CA HIS B 214 -19.15 -31.28 -2.38
C HIS B 214 -20.10 -31.78 -1.30
N PHE B 215 -20.24 -33.10 -1.21
CA PHE B 215 -21.11 -33.74 -0.24
C PHE B 215 -20.28 -34.28 0.91
N THR B 216 -20.59 -33.85 2.12
CA THR B 216 -19.75 -34.16 3.28
C THR B 216 -20.59 -34.67 4.44
N CYS B 217 -19.94 -35.44 5.29
CA CYS B 217 -20.48 -35.92 6.55
C CYS B 217 -19.75 -35.20 7.68
N ALA B 218 -20.05 -35.59 8.91
CA ALA B 218 -19.36 -35.07 10.08
C ALA B 218 -18.18 -35.94 10.50
N VAL B 219 -17.90 -37.01 9.77
CA VAL B 219 -16.81 -37.92 10.12
C VAL B 219 -15.91 -38.10 8.92
N ASP B 220 -15.85 -37.09 8.05
CA ASP B 220 -15.10 -37.15 6.81
C ASP B 220 -13.75 -36.49 7.00
N THR B 221 -12.70 -37.15 6.53
CA THR B 221 -11.34 -36.62 6.61
C THR B 221 -10.86 -36.02 5.30
N GLU B 222 -11.50 -36.32 4.18
CA GLU B 222 -11.06 -35.83 2.88
C GLU B 222 -11.68 -34.47 2.55
N ASN B 223 -11.55 -33.52 3.45
CA ASN B 223 -12.14 -32.19 3.28
C ASN B 223 -11.10 -31.11 3.07
N ALA B 224 -9.83 -31.41 3.19
CA ALA B 224 -8.78 -30.48 2.79
C ALA B 224 -8.29 -30.74 1.38
N ARG B 225 -8.32 -32.00 0.93
CA ARG B 225 -8.01 -32.29 -0.46
C ARG B 225 -9.03 -31.66 -1.39
N ARG B 226 -10.30 -31.67 -0.98
CA ARG B 226 -11.35 -31.03 -1.78
C ARG B 226 -11.08 -29.54 -1.93
N ILE B 227 -10.80 -28.87 -0.82
CA ILE B 227 -10.46 -27.45 -0.86
C ILE B 227 -9.23 -27.22 -1.72
N PHE B 228 -8.23 -28.11 -1.62
CA PHE B 228 -6.99 -27.93 -2.36
C PHE B 228 -7.19 -28.07 -3.86
N ASN B 229 -7.95 -29.07 -4.29
CA ASN B 229 -8.23 -29.22 -5.71
C ASN B 229 -9.02 -28.03 -6.23
N ASP B 230 -10.02 -27.60 -5.48
CA ASP B 230 -10.80 -26.45 -5.91
C ASP B 230 -9.93 -25.20 -5.99
N CYS B 231 -8.99 -25.05 -5.06
CA CYS B 231 -8.11 -23.90 -5.07
C CYS B 231 -7.11 -23.95 -6.21
N LYS B 232 -6.61 -25.15 -6.56
CA LYS B 232 -5.77 -25.21 -7.76
C LYS B 232 -6.54 -24.78 -8.99
N ASP B 233 -7.80 -25.19 -9.10
CA ASP B 233 -8.58 -24.76 -10.26
C ASP B 233 -8.82 -23.25 -10.23
N ILE B 234 -9.08 -22.69 -9.06
CA ILE B 234 -9.27 -21.24 -8.95
C ILE B 234 -8.01 -20.50 -9.35
N ILE B 235 -6.85 -20.93 -8.84
CA ILE B 235 -5.61 -20.25 -9.16
C ILE B 235 -5.26 -20.42 -10.64
N LEU B 236 -5.59 -21.56 -11.22
CA LEU B 236 -5.40 -21.72 -12.66
C LEU B 236 -6.25 -20.71 -13.42
N GLN B 237 -7.49 -20.50 -13.00
CA GLN B 237 -8.32 -19.49 -13.65
C GLN B 237 -7.72 -18.10 -13.52
N MET B 238 -7.26 -17.73 -12.33
CA MET B 238 -6.69 -16.40 -12.14
C MET B 238 -5.42 -16.23 -12.96
N ASN B 239 -4.59 -17.28 -13.02
CA ASN B 239 -3.39 -17.23 -13.83
C ASN B 239 -3.72 -17.07 -15.30
N LEU B 240 -4.69 -17.83 -15.79
CA LEU B 240 -5.13 -17.71 -17.19
C LEU B 240 -5.89 -16.42 -17.43
N ARG B 241 -6.22 -15.68 -16.39
CA ARG B 241 -6.89 -14.39 -16.55
C ARG B 241 -5.94 -13.20 -16.45
N GLU B 242 -4.79 -13.34 -15.81
CA GLU B 242 -3.78 -12.30 -15.90
C GLU B 242 -3.32 -12.12 -17.35
N TYR B 243 -3.05 -13.23 -18.03
CA TYR B 243 -3.01 -13.24 -19.48
C TYR B 243 -4.45 -13.13 -19.92
N ASN B 244 -4.82 -12.09 -20.65
CA ASN B 244 -6.24 -11.88 -20.86
C ASN B 244 -6.77 -12.95 -21.81
N LEU B 245 -6.89 -14.18 -21.32
CA LEU B 245 -7.27 -15.32 -22.11
C LEU B 245 -8.62 -15.90 -21.72
N VAL B 246 -8.88 -16.11 -20.45
CA VAL B 246 -10.15 -16.65 -20.01
C VAL B 246 -11.03 -15.52 -19.46
N GLU C 8 -51.65 1.05 25.43
CA GLU C 8 -50.95 -0.06 24.80
C GLU C 8 -49.72 0.43 24.05
N LEU C 9 -49.18 -0.41 23.17
CA LEU C 9 -48.07 0.00 22.33
C LEU C 9 -48.56 0.89 21.18
N ASP C 10 -49.81 0.71 20.75
CA ASP C 10 -50.35 1.51 19.66
C ASP C 10 -50.42 2.98 20.02
N GLN C 11 -50.74 3.29 21.28
CA GLN C 11 -50.77 4.69 21.71
C GLN C 11 -49.39 5.33 21.61
N LEU C 12 -48.35 4.62 22.07
CA LEU C 12 -47.00 5.14 21.99
C LEU C 12 -46.55 5.32 20.53
N ARG C 13 -46.88 4.36 19.68
CA ARG C 13 -46.54 4.49 18.26
C ARG C 13 -47.27 5.67 17.63
N GLN C 14 -48.52 5.90 18.02
CA GLN C 14 -49.26 7.04 17.50
C GLN C 14 -48.63 8.35 17.94
N GLU C 15 -48.19 8.42 19.20
CA GLU C 15 -47.48 9.61 19.66
C GLU C 15 -46.19 9.82 18.86
N ALA C 16 -45.49 8.72 18.55
CA ALA C 16 -44.28 8.82 17.75
C ALA C 16 -44.58 9.35 16.35
N GLU C 17 -45.66 8.88 15.74
CA GLU C 17 -46.02 9.38 14.41
C GLU C 17 -46.39 10.86 14.45
N GLN C 18 -47.15 11.27 15.47
CA GLN C 18 -47.49 12.68 15.61
C GLN C 18 -46.25 13.54 15.81
N LEU C 19 -45.29 13.06 16.60
CA LEU C 19 -44.07 13.83 16.83
C LEU C 19 -43.19 13.88 15.59
N LYS C 20 -43.15 12.80 14.81
CA LYS C 20 -42.40 12.82 13.56
C LYS C 20 -43.02 13.81 12.59
N ASN C 21 -44.36 13.85 12.52
CA ASN C 21 -45.00 14.84 11.66
C ASN C 21 -44.77 16.27 12.18
N GLN C 22 -44.69 16.46 13.50
CA GLN C 22 -44.39 17.77 14.04
C GLN C 22 -42.97 18.21 13.69
N ILE C 23 -42.02 17.28 13.76
CA ILE C 23 -40.67 17.56 13.29
C ILE C 23 -40.70 17.99 11.83
N ARG C 24 -41.42 17.24 10.99
CA ARG C 24 -41.45 17.56 9.57
C ARG C 24 -42.09 18.91 9.32
N ASP C 25 -43.09 19.27 10.12
CA ASP C 25 -43.70 20.60 10.00
C ASP C 25 -42.73 21.69 10.42
N ALA C 26 -42.01 21.50 11.52
CA ALA C 26 -41.07 22.51 11.98
C ALA C 26 -39.93 22.72 11.00
N ARG C 27 -39.41 21.62 10.43
CA ARG C 27 -38.34 21.75 9.45
C ARG C 27 -38.78 22.53 8.23
N LYS C 28 -40.01 22.31 7.77
CA LYS C 28 -40.49 23.02 6.59
C LYS C 28 -40.86 24.47 6.89
N ALA C 29 -41.31 24.77 8.10
CA ALA C 29 -41.58 26.15 8.47
C ALA C 29 -40.31 26.97 8.57
N CYS C 30 -39.15 26.33 8.66
CA CYS C 30 -37.87 27.01 8.69
C CYS C 30 -37.20 27.06 7.32
N ALA C 31 -37.78 26.42 6.31
CA ALA C 31 -37.22 26.39 4.97
C ALA C 31 -37.87 27.48 4.15
N ASP C 32 -37.10 28.50 3.79
CA ASP C 32 -37.59 29.63 3.00
C ASP C 32 -36.75 29.91 1.76
N ALA C 33 -35.44 29.71 1.81
CA ALA C 33 -34.57 29.95 0.68
C ALA C 33 -33.47 28.91 0.66
N THR C 34 -33.35 28.18 -0.44
CA THR C 34 -32.35 27.14 -0.55
C THR C 34 -30.95 27.74 -0.63
N LEU C 35 -29.97 26.97 -0.19
CA LEU C 35 -28.58 27.42 -0.31
C LEU C 35 -28.19 27.59 -1.77
N SER C 36 -28.77 26.79 -2.66
CA SER C 36 -28.54 26.97 -4.09
C SER C 36 -29.13 28.27 -4.60
N GLN C 37 -29.93 28.95 -3.81
CA GLN C 37 -30.62 30.16 -4.21
C GLN C 37 -30.04 31.40 -3.57
N ILE C 38 -29.41 31.27 -2.41
CA ILE C 38 -28.71 32.41 -1.83
C ILE C 38 -27.32 32.52 -2.42
N THR C 39 -26.76 31.42 -2.88
CA THR C 39 -25.42 31.36 -3.44
C THR C 39 -25.41 31.59 -4.93
N ASN C 40 -26.57 31.85 -5.53
CA ASN C 40 -26.63 31.97 -6.98
C ASN C 40 -25.77 33.11 -7.48
N ASN C 41 -25.80 34.25 -6.80
CA ASN C 41 -25.04 35.41 -7.26
C ASN C 41 -23.68 35.53 -6.58
N ILE C 42 -22.86 34.47 -6.58
CA ILE C 42 -21.45 34.61 -6.22
C ILE C 42 -20.62 33.85 -7.23
N ASP C 43 -19.35 34.21 -7.30
CA ASP C 43 -18.49 33.80 -8.40
C ASP C 43 -18.10 32.33 -8.27
N PRO C 44 -18.39 31.49 -9.25
CA PRO C 44 -17.94 30.10 -9.19
C PRO C 44 -16.42 30.01 -9.19
N VAL C 45 -15.90 29.04 -8.44
CA VAL C 45 -14.47 28.92 -8.23
C VAL C 45 -13.73 28.45 -9.46
N GLY C 46 -14.45 27.97 -10.47
CA GLY C 46 -13.80 27.49 -11.67
C GLY C 46 -13.12 26.15 -11.45
N ARG C 47 -12.48 25.68 -12.50
CA ARG C 47 -11.80 24.40 -12.45
C ARG C 47 -10.60 24.49 -11.50
N ILE C 48 -10.39 23.44 -10.72
CA ILE C 48 -9.22 23.32 -9.88
C ILE C 48 -8.35 22.22 -10.47
N GLN C 49 -7.07 22.50 -10.62
CA GLN C 49 -6.12 21.56 -11.21
C GLN C 49 -5.18 21.12 -10.11
N MET C 50 -5.44 19.94 -9.55
CA MET C 50 -4.59 19.34 -8.55
C MET C 50 -3.87 18.15 -9.17
N ARG C 51 -2.60 18.01 -8.84
CA ARG C 51 -1.75 16.98 -9.44
C ARG C 51 -1.06 16.18 -8.37
N THR C 52 -0.82 14.90 -8.65
CA THR C 52 -0.12 14.04 -7.71
C THR C 52 1.28 14.56 -7.46
N ARG C 53 1.52 15.11 -6.27
CA ARG C 53 2.84 15.58 -5.90
C ARG C 53 3.69 14.48 -5.29
N ARG C 54 3.13 13.72 -4.37
CA ARG C 54 3.79 12.55 -3.80
C ARG C 54 2.91 11.34 -4.02
N THR C 55 3.53 10.23 -4.39
CA THR C 55 2.90 8.93 -4.33
C THR C 55 3.77 8.01 -3.50
N LEU C 56 3.16 7.39 -2.50
CA LEU C 56 3.90 6.71 -1.44
C LEU C 56 3.72 5.20 -1.58
N ARG C 57 4.75 4.51 -2.07
CA ARG C 57 4.70 3.07 -2.18
C ARG C 57 5.03 2.48 -0.82
N GLY C 58 4.66 1.23 -0.62
CA GLY C 58 5.10 0.51 0.56
C GLY C 58 4.09 -0.42 1.15
N HIS C 59 2.81 -0.12 0.97
CA HIS C 59 1.77 -1.02 1.42
C HIS C 59 1.60 -2.11 0.37
N LEU C 60 1.38 -3.34 0.83
CA LEU C 60 1.26 -4.48 -0.06
C LEU C 60 -0.15 -5.05 -0.10
N ALA C 61 -1.13 -4.31 0.40
CA ALA C 61 -2.52 -4.72 0.36
C ALA C 61 -3.38 -3.48 0.22
N LYS C 62 -4.68 -3.64 0.37
CA LYS C 62 -5.58 -2.52 0.22
C LYS C 62 -5.48 -1.59 1.42
N ILE C 63 -5.30 -0.31 1.15
CA ILE C 63 -5.33 0.70 2.18
C ILE C 63 -6.78 0.96 2.57
N TYR C 64 -7.07 0.95 3.86
CA TYR C 64 -8.42 1.11 4.35
C TYR C 64 -8.68 2.42 5.08
N ALA C 65 -7.67 3.03 5.70
CA ALA C 65 -7.87 4.25 6.45
C ALA C 65 -6.55 5.00 6.51
N MET C 66 -6.66 6.32 6.64
CA MET C 66 -5.50 7.13 6.94
C MET C 66 -5.93 8.37 7.69
N HIS C 67 -5.03 8.88 8.54
CA HIS C 67 -5.29 10.09 9.29
C HIS C 67 -4.05 10.98 9.19
N TRP C 68 -4.26 12.25 8.93
CA TRP C 68 -3.18 13.20 9.01
C TRP C 68 -2.83 13.50 10.46
N GLY C 69 -1.60 13.90 10.68
CA GLY C 69 -1.22 14.47 11.94
C GLY C 69 -1.59 15.94 12.02
N THR C 70 -1.52 16.47 13.24
CA THR C 70 -1.88 17.87 13.44
C THR C 70 -0.86 18.81 12.81
N ASP C 71 0.40 18.39 12.74
CA ASP C 71 1.45 19.22 12.14
C ASP C 71 1.35 19.29 10.62
N SER C 72 0.45 18.50 10.02
CA SER C 72 0.22 18.48 8.58
C SER C 72 1.42 17.99 7.81
N ARG C 73 2.28 17.22 8.45
CA ARG C 73 3.41 16.59 7.78
C ARG C 73 3.44 15.08 7.94
N LEU C 74 3.17 14.57 9.13
CA LEU C 74 3.13 13.14 9.37
C LEU C 74 1.71 12.63 9.17
N LEU C 75 1.59 11.48 8.52
CA LEU C 75 0.31 10.81 8.39
C LEU C 75 0.50 9.32 8.62
N VAL C 76 -0.56 8.66 9.02
CA VAL C 76 -0.56 7.24 9.30
C VAL C 76 -1.57 6.57 8.39
N SER C 77 -1.24 5.40 7.88
CA SER C 77 -2.08 4.65 6.96
C SER C 77 -2.22 3.22 7.44
N ALA C 78 -3.43 2.70 7.36
CA ALA C 78 -3.74 1.33 7.72
C ALA C 78 -4.04 0.53 6.46
N SER C 79 -3.50 -0.67 6.39
CA SER C 79 -3.71 -1.55 5.25
C SER C 79 -4.01 -2.94 5.76
N GLN C 80 -4.68 -3.72 4.91
CA GLN C 80 -5.05 -5.08 5.24
C GLN C 80 -3.87 -6.02 5.34
N ASP C 81 -2.68 -5.58 4.94
CA ASP C 81 -1.49 -6.38 5.17
C ASP C 81 -1.10 -6.43 6.60
N GLY C 82 -1.89 -5.81 7.47
CA GLY C 82 -1.63 -5.90 8.89
C GLY C 82 -0.52 -5.04 9.39
N LYS C 83 -0.27 -3.90 8.77
CA LYS C 83 0.75 -2.98 9.23
C LYS C 83 0.28 -1.54 9.13
N LEU C 84 0.49 -0.79 10.21
CA LEU C 84 0.38 0.65 10.19
C LEU C 84 1.73 1.23 9.80
N ILE C 85 1.70 2.25 8.96
CA ILE C 85 2.90 2.95 8.55
C ILE C 85 2.69 4.44 8.80
N ILE C 86 3.65 5.06 9.49
CA ILE C 86 3.65 6.50 9.68
C ILE C 86 4.61 7.08 8.66
N TRP C 87 4.13 8.05 7.89
CA TRP C 87 4.88 8.62 6.78
C TRP C 87 5.29 10.05 7.09
N ASP C 88 6.45 10.43 6.57
CA ASP C 88 6.84 11.83 6.46
C ASP C 88 6.50 12.26 5.04
N SER C 89 5.40 13.00 4.91
CA SER C 89 4.86 13.31 3.59
C SER C 89 5.78 14.24 2.80
N TYR C 90 6.58 15.06 3.47
CA TYR C 90 7.46 15.96 2.75
C TYR C 90 8.64 15.25 2.12
N THR C 91 8.95 14.02 2.55
CA THR C 91 10.13 13.32 2.08
C THR C 91 9.88 11.88 1.65
N THR C 92 8.63 11.41 1.68
CA THR C 92 8.22 10.05 1.30
C THR C 92 8.71 9.01 2.29
N ASN C 93 9.50 9.40 3.29
CA ASN C 93 10.11 8.46 4.21
C ASN C 93 9.07 7.81 5.12
N LYS C 94 9.44 6.65 5.64
CA LYS C 94 8.62 5.93 6.59
C LYS C 94 9.22 6.11 7.98
N VAL C 95 8.43 6.66 8.88
CA VAL C 95 8.93 6.91 10.23
C VAL C 95 8.80 5.67 11.10
N HIS C 96 7.70 4.95 10.95
CA HIS C 96 7.48 3.72 11.72
C HIS C 96 6.73 2.72 10.86
N ALA C 97 6.82 1.46 11.27
CA ALA C 97 6.03 0.38 10.67
C ALA C 97 5.55 -0.49 11.83
N ILE C 98 4.27 -0.36 12.16
CA ILE C 98 3.69 -1.00 13.34
C ILE C 98 3.00 -2.29 12.88
N PRO C 99 3.46 -3.47 13.30
CA PRO C 99 2.77 -4.71 12.93
C PRO C 99 1.59 -4.98 13.87
N LEU C 100 0.43 -5.22 13.28
CA LEU C 100 -0.80 -5.40 14.04
C LEU C 100 -1.05 -6.86 14.35
N ARG C 101 -1.73 -7.11 15.46
CA ARG C 101 -2.09 -8.47 15.81
C ARG C 101 -3.19 -9.01 14.90
N SER C 102 -4.08 -8.16 14.44
CA SER C 102 -5.13 -8.55 13.50
C SER C 102 -4.97 -7.76 12.22
N SER C 103 -4.82 -8.46 11.10
CA SER C 103 -4.66 -7.81 9.81
C SER C 103 -5.95 -7.18 9.31
N TRP C 104 -7.08 -7.45 9.95
CA TRP C 104 -8.37 -6.95 9.49
C TRP C 104 -8.66 -5.60 10.13
N VAL C 105 -7.99 -4.58 9.60
CA VAL C 105 -8.00 -3.24 10.16
C VAL C 105 -8.85 -2.34 9.27
N MET C 106 -9.68 -1.52 9.90
CA MET C 106 -10.58 -0.64 9.18
C MET C 106 -10.53 0.81 9.61
N THR C 107 -9.77 1.16 10.64
CA THR C 107 -9.74 2.53 11.12
C THR C 107 -8.34 2.87 11.59
N CYS C 108 -8.04 4.16 11.61
CA CYS C 108 -6.69 4.64 11.88
C CYS C 108 -6.80 6.05 12.41
N ALA C 109 -6.32 6.28 13.64
CA ALA C 109 -6.40 7.59 14.26
C ALA C 109 -5.03 8.01 14.76
N TYR C 110 -4.64 9.23 14.43
CA TYR C 110 -3.41 9.84 14.92
C TYR C 110 -3.82 10.86 15.97
N ALA C 111 -3.28 10.72 17.17
CA ALA C 111 -3.65 11.63 18.25
C ALA C 111 -3.23 13.05 17.94
N PRO C 112 -3.99 14.05 18.41
CA PRO C 112 -3.60 15.45 18.13
C PRO C 112 -2.24 15.81 18.66
N SER C 113 -1.86 15.29 19.82
CA SER C 113 -0.53 15.55 20.37
C SER C 113 0.55 14.95 19.49
N GLY C 114 0.32 13.76 18.96
CA GLY C 114 1.30 13.06 18.17
C GLY C 114 1.97 11.90 18.88
N ASN C 115 1.66 11.68 20.16
CA ASN C 115 2.29 10.61 20.91
C ASN C 115 1.67 9.25 20.66
N TYR C 116 0.43 9.19 20.20
CA TYR C 116 -0.29 7.92 20.08
C TYR C 116 -0.93 7.78 18.71
N VAL C 117 -1.09 6.53 18.28
CA VAL C 117 -1.91 6.19 17.13
C VAL C 117 -2.87 5.08 17.57
N ALA C 118 -3.99 4.99 16.87
CA ALA C 118 -5.01 4.00 17.17
C ALA C 118 -5.45 3.31 15.90
N CYS C 119 -5.88 2.06 16.05
CA CYS C 119 -6.39 1.28 14.94
C CYS C 119 -7.37 0.25 15.46
N GLY C 120 -8.18 -0.28 14.55
CA GLY C 120 -9.18 -1.27 14.93
C GLY C 120 -9.84 -1.84 13.69
N GLY C 121 -10.63 -2.87 13.92
CA GLY C 121 -11.33 -3.53 12.83
C GLY C 121 -12.18 -4.70 13.27
N LEU C 122 -12.09 -5.80 12.53
CA LEU C 122 -12.92 -6.98 12.80
C LEU C 122 -12.56 -7.67 14.09
N ASP C 123 -11.42 -7.35 14.69
CA ASP C 123 -11.09 -7.88 16.00
C ASP C 123 -11.97 -7.34 17.12
N ASN C 124 -12.77 -6.29 16.84
CA ASN C 124 -13.65 -5.66 17.81
C ASN C 124 -12.86 -5.09 19.00
N ILE C 125 -11.71 -4.50 18.71
CA ILE C 125 -10.81 -3.95 19.72
C ILE C 125 -10.16 -2.71 19.15
N CYS C 126 -10.02 -1.67 19.96
CA CYS C 126 -9.20 -0.51 19.62
C CYS C 126 -7.88 -0.64 20.34
N SER C 127 -6.79 -0.58 19.59
CA SER C 127 -5.45 -0.69 20.14
C SER C 127 -4.77 0.66 20.02
N ILE C 128 -4.31 1.21 21.14
CA ILE C 128 -3.61 2.48 21.17
C ILE C 128 -2.12 2.20 21.24
N TYR C 129 -1.35 2.85 20.38
CA TYR C 129 0.06 2.56 20.22
C TYR C 129 0.90 3.73 20.70
N ASN C 130 1.96 3.43 21.45
CA ASN C 130 2.83 4.46 22.02
C ASN C 130 3.99 4.70 21.08
N LEU C 131 4.03 5.89 20.49
CA LEU C 131 5.07 6.25 19.54
C LEU C 131 6.30 6.80 20.24
N LYS C 132 6.13 7.79 21.11
CA LYS C 132 7.25 8.47 21.75
C LYS C 132 7.52 7.82 23.10
N THR C 133 8.24 6.71 23.06
CA THR C 133 8.73 6.02 24.24
C THR C 133 10.26 6.06 24.26
N ARG C 134 10.82 5.45 25.30
CA ARG C 134 12.21 5.02 25.24
C ARG C 134 12.24 3.76 24.37
N GLU C 135 13.39 3.08 24.34
CA GLU C 135 13.48 1.77 23.74
C GLU C 135 13.26 1.78 22.23
N GLY C 136 12.87 2.92 21.67
CA GLY C 136 12.84 3.09 20.24
C GLY C 136 11.88 2.20 19.47
N ASN C 137 10.92 1.58 20.14
CA ASN C 137 9.92 0.78 19.45
C ASN C 137 8.54 1.31 19.79
N VAL C 138 7.58 1.03 18.91
CA VAL C 138 6.18 1.32 19.13
C VAL C 138 5.53 0.07 19.70
N ARG C 139 5.04 0.17 20.93
CA ARG C 139 4.39 -0.94 21.61
C ARG C 139 2.96 -0.58 21.98
N VAL C 140 2.13 -1.60 22.11
CA VAL C 140 0.71 -1.39 22.38
C VAL C 140 0.56 -0.82 23.78
N SER C 141 -0.11 0.32 23.88
CA SER C 141 -0.33 0.94 25.18
C SER C 141 -1.56 0.36 25.87
N ARG C 142 -2.61 0.06 25.11
CA ARG C 142 -3.90 -0.29 25.68
C ARG C 142 -4.75 -0.96 24.62
N GLU C 143 -5.36 -2.08 24.96
CA GLU C 143 -6.28 -2.79 24.08
C GLU C 143 -7.68 -2.60 24.62
N LEU C 144 -8.49 -1.80 23.93
CA LEU C 144 -9.80 -1.39 24.42
C LEU C 144 -10.84 -2.38 23.90
N ALA C 145 -11.44 -3.14 24.82
CA ALA C 145 -12.44 -4.15 24.47
C ALA C 145 -13.79 -3.76 25.05
N GLY C 146 -14.85 -4.21 24.39
CA GLY C 146 -16.18 -3.93 24.89
C GLY C 146 -17.22 -3.72 23.80
N HIS C 147 -16.79 -3.35 22.61
CA HIS C 147 -17.70 -3.30 21.48
C HIS C 147 -18.03 -4.72 21.04
N THR C 148 -19.28 -4.92 20.63
CA THR C 148 -19.71 -6.23 20.17
C THR C 148 -19.41 -6.44 18.69
N GLY C 149 -19.56 -5.41 17.88
CA GLY C 149 -19.26 -5.49 16.48
C GLY C 149 -17.91 -4.87 16.13
N TYR C 150 -17.60 -4.92 14.84
CA TYR C 150 -16.35 -4.40 14.33
C TYR C 150 -16.26 -2.89 14.52
N LEU C 151 -15.04 -2.40 14.76
CA LEU C 151 -14.82 -0.96 14.85
C LEU C 151 -14.67 -0.34 13.49
N SER C 152 -15.50 0.67 13.21
CA SER C 152 -15.50 1.35 11.93
C SER C 152 -14.76 2.68 11.96
N CYS C 153 -14.70 3.35 13.10
CA CYS C 153 -14.02 4.62 13.20
C CYS C 153 -13.57 4.82 14.64
N CYS C 154 -12.53 5.63 14.80
CA CYS C 154 -12.06 6.05 16.11
C CYS C 154 -11.34 7.37 15.96
N ARG C 155 -11.63 8.31 16.85
CA ARG C 155 -11.05 9.64 16.81
C ARG C 155 -10.61 10.04 18.20
N PHE C 156 -9.36 10.46 18.32
CA PHE C 156 -8.84 10.92 19.60
C PHE C 156 -9.44 12.26 19.96
N LEU C 157 -9.88 12.41 21.20
CA LEU C 157 -10.26 13.70 21.73
C LEU C 157 -9.08 14.39 22.41
N ASP C 158 -8.33 13.63 23.20
CA ASP C 158 -7.05 14.03 23.75
C ASP C 158 -6.22 12.77 23.89
N ASP C 159 -5.14 12.84 24.67
CA ASP C 159 -4.31 11.66 24.86
C ASP C 159 -4.96 10.61 25.74
N ASN C 160 -6.07 10.92 26.40
CA ASN C 160 -6.72 9.98 27.29
C ASN C 160 -8.13 9.60 26.83
N GLN C 161 -8.74 10.39 25.96
CA GLN C 161 -10.10 10.13 25.49
C GLN C 161 -10.08 9.80 24.00
N ILE C 162 -10.81 8.74 23.64
CA ILE C 162 -11.02 8.35 22.25
C ILE C 162 -12.47 7.92 22.09
N VAL C 163 -13.09 8.31 20.99
CA VAL C 163 -14.48 7.95 20.70
C VAL C 163 -14.47 6.98 19.52
N THR C 164 -15.10 5.84 19.70
CA THR C 164 -15.10 4.77 18.73
C THR C 164 -16.53 4.44 18.31
N SER C 165 -16.71 4.21 17.02
CA SER C 165 -17.98 3.76 16.46
C SER C 165 -17.84 2.32 16.01
N SER C 166 -18.86 1.52 16.28
CA SER C 166 -18.81 0.10 15.98
C SER C 166 -20.01 -0.31 15.14
N GLY C 167 -19.92 -1.52 14.60
CA GLY C 167 -20.98 -2.16 13.88
C GLY C 167 -22.02 -2.82 14.74
N ASP C 168 -21.90 -2.70 16.05
CA ASP C 168 -22.94 -3.11 16.97
C ASP C 168 -23.99 -2.05 17.16
N THR C 169 -24.04 -1.09 16.24
CA THR C 169 -24.99 0.02 16.28
C THR C 169 -24.77 0.91 17.50
N THR C 170 -23.51 1.15 17.85
CA THR C 170 -23.19 1.85 19.07
C THR C 170 -21.86 2.57 18.96
N CYS C 171 -21.78 3.74 19.60
CA CYS C 171 -20.55 4.48 19.82
C CYS C 171 -20.19 4.46 21.30
N ALA C 172 -18.92 4.71 21.59
CA ALA C 172 -18.42 4.69 22.94
C ALA C 172 -17.47 5.84 23.15
N LEU C 173 -17.33 6.27 24.40
CA LEU C 173 -16.33 7.24 24.82
C LEU C 173 -15.43 6.56 25.83
N TRP C 174 -14.16 6.43 25.50
CA TRP C 174 -13.23 5.62 26.27
C TRP C 174 -12.27 6.50 27.06
N ASP C 175 -11.92 6.03 28.25
CA ASP C 175 -10.79 6.56 29.00
C ASP C 175 -9.65 5.57 28.86
N ILE C 176 -8.58 5.99 28.18
CA ILE C 176 -7.53 5.05 27.80
C ILE C 176 -6.76 4.56 29.02
N GLU C 177 -6.52 5.44 29.99
CA GLU C 177 -5.79 5.02 31.18
C GLU C 177 -6.54 3.93 31.93
N THR C 178 -7.83 4.13 32.17
CA THR C 178 -8.63 3.11 32.83
C THR C 178 -9.11 2.03 31.88
N GLY C 179 -9.17 2.32 30.59
CA GLY C 179 -9.60 1.33 29.62
C GLY C 179 -11.06 0.95 29.73
N GLN C 180 -11.94 1.92 29.95
CA GLN C 180 -13.34 1.64 30.20
C GLN C 180 -14.21 2.59 29.38
N GLN C 181 -15.43 2.14 29.11
CA GLN C 181 -16.41 2.93 28.37
C GLN C 181 -17.02 3.96 29.31
N THR C 182 -16.61 5.22 29.15
CA THR C 182 -17.14 6.28 29.99
C THR C 182 -18.54 6.71 29.56
N THR C 183 -18.83 6.69 28.27
CA THR C 183 -20.16 7.08 27.78
C THR C 183 -20.47 6.27 26.54
N THR C 184 -21.66 5.67 26.51
CA THR C 184 -22.10 4.84 25.41
C THR C 184 -23.29 5.49 24.73
N PHE C 185 -23.23 5.62 23.41
CA PHE C 185 -24.22 6.32 22.62
C PHE C 185 -25.03 5.32 21.83
N THR C 186 -26.32 5.24 22.12
CA THR C 186 -27.22 4.32 21.46
C THR C 186 -28.31 5.11 20.75
N GLY C 187 -28.90 4.50 19.73
CA GLY C 187 -29.95 5.15 18.99
C GLY C 187 -29.96 4.81 17.52
N HIS C 188 -28.85 4.29 17.01
CA HIS C 188 -28.74 3.92 15.61
C HIS C 188 -29.24 2.49 15.44
N THR C 189 -30.09 2.29 14.43
CA THR C 189 -30.59 0.95 14.14
C THR C 189 -29.54 0.10 13.42
N GLY C 190 -28.71 0.72 12.58
CA GLY C 190 -27.74 0.01 11.79
C GLY C 190 -26.31 0.26 12.21
N ASP C 191 -25.41 -0.37 11.46
CA ASP C 191 -24.00 -0.31 11.76
C ASP C 191 -23.47 1.11 11.59
N VAL C 192 -22.84 1.64 12.62
CA VAL C 192 -22.26 2.98 12.54
C VAL C 192 -20.96 2.89 11.75
N MET C 193 -20.92 3.57 10.62
CA MET C 193 -19.80 3.46 9.69
C MET C 193 -18.81 4.59 9.81
N SER C 194 -19.23 5.78 10.23
CA SER C 194 -18.36 6.93 10.24
C SER C 194 -18.58 7.72 11.51
N LEU C 195 -17.80 8.78 11.64
CA LEU C 195 -17.71 9.57 12.86
C LEU C 195 -16.91 10.83 12.57
N SER C 196 -17.43 11.99 12.92
CA SER C 196 -16.69 13.23 12.78
C SER C 196 -16.82 14.03 14.06
N LEU C 197 -15.70 14.47 14.60
CA LEU C 197 -15.67 15.26 15.82
C LEU C 197 -15.78 16.74 15.48
N ALA C 198 -16.49 17.48 16.31
CA ALA C 198 -16.60 18.91 16.11
C ALA C 198 -15.25 19.57 16.34
N PRO C 199 -15.01 20.73 15.74
CA PRO C 199 -13.77 21.46 16.01
C PRO C 199 -13.56 21.76 17.47
N ASP C 200 -14.61 22.01 18.23
CA ASP C 200 -14.51 22.25 19.67
C ASP C 200 -14.56 20.97 20.49
N THR C 201 -14.84 19.82 19.86
CA THR C 201 -14.77 18.50 20.47
C THR C 201 -15.81 18.34 21.60
N ARG C 202 -16.85 19.17 21.59
CA ARG C 202 -17.97 18.98 22.51
C ARG C 202 -19.11 18.21 21.88
N LEU C 203 -19.12 18.05 20.56
CA LEU C 203 -20.16 17.33 19.85
C LEU C 203 -19.50 16.45 18.81
N PHE C 204 -20.16 15.36 18.44
CA PHE C 204 -19.69 14.58 17.31
C PHE C 204 -20.88 13.99 16.57
N VAL C 205 -20.72 13.85 15.26
CA VAL C 205 -21.77 13.36 14.39
C VAL C 205 -21.42 11.96 13.92
N SER C 206 -22.46 11.18 13.67
CA SER C 206 -22.34 9.77 13.37
C SER C 206 -23.16 9.45 12.13
N GLY C 207 -22.66 8.52 11.33
CA GLY C 207 -23.37 8.06 10.16
C GLY C 207 -23.48 6.55 10.17
N ALA C 208 -24.68 6.02 9.96
CA ALA C 208 -24.90 4.60 10.09
C ALA C 208 -25.56 4.04 8.85
N CYS C 209 -25.80 2.74 8.87
CA CYS C 209 -26.45 2.04 7.78
C CYS C 209 -27.97 2.14 7.83
N ASP C 210 -28.50 2.85 8.81
CA ASP C 210 -29.91 3.17 8.88
C ASP C 210 -30.29 4.38 8.04
N ALA C 211 -29.37 4.85 7.19
CA ALA C 211 -29.60 6.00 6.32
C ALA C 211 -29.91 7.27 7.10
N SER C 212 -29.38 7.38 8.31
CA SER C 212 -29.60 8.54 9.15
C SER C 212 -28.29 8.91 9.83
N ALA C 213 -28.20 10.16 10.23
CA ALA C 213 -27.05 10.70 10.93
C ALA C 213 -27.51 11.33 12.23
N LYS C 214 -26.73 11.19 13.28
CA LYS C 214 -27.13 11.66 14.59
C LYS C 214 -26.03 12.52 15.19
N LEU C 215 -26.45 13.60 15.85
CA LEU C 215 -25.55 14.53 16.50
C LEU C 215 -25.59 14.29 17.99
N TRP C 216 -24.43 14.03 18.58
CA TRP C 216 -24.29 13.63 19.97
C TRP C 216 -23.60 14.69 20.79
N ASP C 217 -23.82 14.62 22.09
CA ASP C 217 -23.11 15.43 23.07
C ASP C 217 -22.18 14.51 23.86
N VAL C 218 -20.88 14.81 23.82
CA VAL C 218 -19.91 13.97 24.50
C VAL C 218 -20.11 14.02 26.01
N ARG C 219 -20.41 15.21 26.54
CA ARG C 219 -20.50 15.36 27.99
C ARG C 219 -21.78 14.74 28.55
N GLU C 220 -22.84 14.66 27.75
CA GLU C 220 -24.13 14.22 28.27
C GLU C 220 -24.55 12.84 27.78
N GLY C 221 -24.02 12.36 26.66
CA GLY C 221 -24.41 11.06 26.16
C GLY C 221 -25.74 11.02 25.46
N MET C 222 -26.23 12.17 24.99
CA MET C 222 -27.57 12.29 24.44
C MET C 222 -27.52 12.65 22.96
N CYS C 223 -28.47 12.12 22.20
CA CYS C 223 -28.59 12.42 20.79
C CYS C 223 -29.36 13.72 20.63
N ARG C 224 -28.67 14.78 20.22
CA ARG C 224 -29.33 16.07 20.06
C ARG C 224 -30.23 16.10 18.84
N GLN C 225 -29.77 15.60 17.70
CA GLN C 225 -30.54 15.69 16.46
C GLN C 225 -30.31 14.46 15.63
N THR C 226 -31.28 14.15 14.77
CA THR C 226 -31.18 13.06 13.80
C THR C 226 -31.49 13.62 12.43
N PHE C 227 -30.57 13.43 11.50
CA PHE C 227 -30.67 13.98 10.15
C PHE C 227 -30.88 12.85 9.17
N THR C 228 -32.04 12.85 8.51
CA THR C 228 -32.51 11.71 7.71
C THR C 228 -32.91 12.18 6.33
N GLY C 229 -32.05 11.96 5.34
CA GLY C 229 -32.45 12.21 3.98
C GLY C 229 -31.95 11.21 2.95
N HIS C 230 -31.04 10.33 3.35
CA HIS C 230 -30.37 9.44 2.42
C HIS C 230 -31.21 8.22 2.15
N GLU C 231 -31.19 7.77 0.90
CA GLU C 231 -31.91 6.57 0.51
C GLU C 231 -31.18 5.29 0.88
N SER C 232 -29.91 5.38 1.27
CA SER C 232 -29.14 4.18 1.60
C SER C 232 -28.10 4.54 2.67
N ASP C 233 -27.14 3.65 2.85
CA ASP C 233 -26.25 3.72 4.00
C ASP C 233 -25.24 4.85 3.86
N ILE C 234 -24.75 5.32 4.99
CA ILE C 234 -23.84 6.47 5.05
C ILE C 234 -22.44 5.95 5.36
N ASN C 235 -21.50 6.20 4.45
CA ASN C 235 -20.15 5.68 4.58
C ASN C 235 -19.16 6.71 5.11
N ALA C 236 -19.40 7.99 4.89
CA ALA C 236 -18.47 9.04 5.28
C ALA C 236 -19.24 10.20 5.90
N ILE C 237 -18.56 10.96 6.75
CA ILE C 237 -19.18 12.09 7.43
C ILE C 237 -18.06 13.03 7.86
N CYS C 238 -18.37 14.33 7.91
CA CYS C 238 -17.37 15.36 8.19
C CYS C 238 -18.02 16.70 8.53
N PHE C 239 -17.66 17.31 9.65
CA PHE C 239 -18.05 18.69 9.89
C PHE C 239 -17.45 19.69 8.92
N PHE C 240 -18.26 20.67 8.57
CA PHE C 240 -17.79 21.94 8.04
C PHE C 240 -16.83 22.56 9.05
N PRO C 241 -15.79 23.25 8.57
CA PRO C 241 -14.79 23.80 9.49
C PRO C 241 -15.38 24.77 10.50
N ASN C 242 -16.50 25.40 10.19
CA ASN C 242 -17.19 26.27 11.13
C ASN C 242 -17.69 25.47 12.32
N GLY C 243 -18.10 24.23 12.10
CA GLY C 243 -18.66 23.40 13.14
C GLY C 243 -20.17 23.48 13.25
N ASN C 244 -20.82 24.16 12.32
CA ASN C 244 -22.27 24.29 12.30
C ASN C 244 -22.89 23.64 11.09
N ALA C 245 -22.17 22.71 10.46
CA ALA C 245 -22.70 21.96 9.34
C ALA C 245 -21.85 20.71 9.17
N PHE C 246 -22.40 19.73 8.44
CA PHE C 246 -21.62 18.55 8.10
C PHE C 246 -22.13 17.98 6.80
N ALA C 247 -21.29 17.16 6.17
CA ALA C 247 -21.62 16.48 4.93
C ALA C 247 -21.54 14.97 5.12
N THR C 248 -22.38 14.26 4.39
CA THR C 248 -22.51 12.81 4.49
C THR C 248 -22.43 12.20 3.10
N GLY C 249 -21.68 11.11 2.99
CA GLY C 249 -21.59 10.36 1.75
C GLY C 249 -22.29 9.02 1.90
N SER C 250 -22.96 8.58 0.84
CA SER C 250 -23.78 7.39 0.90
C SER C 250 -23.51 6.50 -0.30
N ASP C 251 -24.07 5.30 -0.24
CA ASP C 251 -24.15 4.42 -1.40
C ASP C 251 -25.15 4.92 -2.44
N ASP C 252 -25.93 5.94 -2.11
CA ASP C 252 -26.84 6.63 -3.00
C ASP C 252 -26.12 7.37 -4.12
N ALA C 253 -24.78 7.34 -4.14
CA ALA C 253 -23.98 8.14 -5.04
C ALA C 253 -24.19 9.63 -4.83
N THR C 254 -24.47 10.04 -3.60
CA THR C 254 -24.80 11.44 -3.34
C THR C 254 -24.14 11.88 -2.04
N CYS C 255 -23.74 13.15 -2.01
CA CYS C 255 -23.36 13.86 -0.80
C CYS C 255 -24.49 14.81 -0.42
N ARG C 256 -24.66 15.01 0.88
CA ARG C 256 -25.67 15.94 1.38
C ARG C 256 -25.07 16.78 2.47
N LEU C 257 -25.42 18.06 2.49
CA LEU C 257 -24.95 19.00 3.50
C LEU C 257 -26.10 19.31 4.45
N PHE C 258 -25.87 19.06 5.74
CA PHE C 258 -26.90 19.24 6.75
C PHE C 258 -26.47 20.36 7.70
N ASP C 259 -27.38 21.28 7.99
CA ASP C 259 -27.15 22.29 9.00
C ASP C 259 -27.59 21.79 10.36
N LEU C 260 -26.90 22.25 11.40
CA LEU C 260 -27.27 21.92 12.76
C LEU C 260 -28.22 22.94 13.37
N ARG C 261 -28.14 24.19 12.94
CA ARG C 261 -28.97 25.24 13.50
C ARG C 261 -30.32 25.32 12.80
N ALA C 262 -30.34 25.23 11.47
CA ALA C 262 -31.62 25.16 10.76
C ALA C 262 -32.27 23.81 10.94
N ASP C 263 -31.47 22.77 11.17
CA ASP C 263 -31.87 21.42 11.55
C ASP C 263 -32.48 20.71 10.36
N GLN C 264 -31.98 20.91 9.14
CA GLN C 264 -32.22 19.95 8.08
C GLN C 264 -31.19 20.14 6.98
N GLU C 265 -31.42 19.43 5.87
CA GLU C 265 -30.54 19.45 4.73
C GLU C 265 -30.51 20.82 4.07
N LEU C 266 -29.37 21.14 3.48
CA LEU C 266 -29.18 22.39 2.76
C LEU C 266 -28.93 22.17 1.29
N MET C 267 -28.06 21.24 0.94
CA MET C 267 -27.69 21.04 -0.45
C MET C 267 -27.29 19.61 -0.68
N THR C 268 -27.64 19.10 -1.86
CA THR C 268 -27.30 17.76 -2.30
C THR C 268 -26.34 17.83 -3.47
N TYR C 269 -25.31 17.00 -3.43
CA TYR C 269 -24.26 16.99 -4.43
C TYR C 269 -24.34 15.68 -5.21
N SER C 270 -24.98 15.73 -6.38
CA SER C 270 -25.14 14.55 -7.20
C SER C 270 -25.03 14.93 -8.66
N HIS C 271 -24.68 13.94 -9.48
CA HIS C 271 -24.73 14.06 -10.93
C HIS C 271 -25.16 12.72 -11.49
N ASP C 272 -25.90 12.77 -12.59
CA ASP C 272 -26.37 11.54 -13.23
C ASP C 272 -25.25 10.72 -13.83
N ASN C 273 -24.10 11.34 -14.09
CA ASN C 273 -23.01 10.62 -14.74
C ASN C 273 -22.30 9.68 -13.79
N ILE C 274 -22.49 9.83 -12.48
CA ILE C 274 -21.83 9.00 -11.49
C ILE C 274 -22.88 8.25 -10.68
N ILE C 275 -22.71 6.93 -10.57
CA ILE C 275 -23.72 6.05 -10.02
C ILE C 275 -23.11 5.18 -8.94
N CYS C 276 -21.93 5.56 -8.46
CA CYS C 276 -21.18 4.76 -7.51
C CYS C 276 -21.22 5.38 -6.13
N GLY C 277 -21.11 4.53 -5.11
CA GLY C 277 -21.17 5.01 -3.74
C GLY C 277 -19.99 5.89 -3.37
N ILE C 278 -20.17 6.63 -2.29
CA ILE C 278 -19.16 7.56 -1.79
C ILE C 278 -18.53 6.97 -0.54
N THR C 279 -17.22 6.87 -0.55
CA THR C 279 -16.48 6.15 0.48
C THR C 279 -15.76 7.06 1.45
N SER C 280 -15.56 8.32 1.09
CA SER C 280 -14.82 9.26 1.91
C SER C 280 -15.29 10.67 1.58
N VAL C 281 -15.26 11.53 2.58
CA VAL C 281 -15.65 12.93 2.45
C VAL C 281 -14.73 13.76 3.33
N SER C 282 -14.21 14.87 2.79
CA SER C 282 -13.49 15.83 3.60
C SER C 282 -13.69 17.21 3.01
N PHE C 283 -13.39 18.23 3.82
CA PHE C 283 -13.59 19.61 3.45
C PHE C 283 -12.25 20.30 3.24
N SER C 284 -12.30 21.42 2.54
CA SER C 284 -11.17 22.33 2.48
C SER C 284 -11.10 23.16 3.77
N LYS C 285 -10.07 23.98 3.89
CA LYS C 285 -9.91 24.80 5.10
C LYS C 285 -11.03 25.81 5.23
N SER C 286 -11.40 26.47 4.14
CA SER C 286 -12.49 27.44 4.18
C SER C 286 -13.85 26.79 4.11
N GLY C 287 -13.92 25.51 3.79
CA GLY C 287 -15.18 24.84 3.61
C GLY C 287 -15.80 24.99 2.24
N ARG C 288 -15.16 25.72 1.34
CA ARG C 288 -15.75 25.95 0.03
C ARG C 288 -15.64 24.72 -0.86
N LEU C 289 -14.60 23.92 -0.68
CA LEU C 289 -14.45 22.69 -1.44
C LEU C 289 -14.87 21.50 -0.60
N LEU C 290 -15.53 20.54 -1.25
CA LEU C 290 -15.96 19.30 -0.62
C LEU C 290 -15.34 18.15 -1.39
N LEU C 291 -14.27 17.59 -0.84
CA LEU C 291 -13.58 16.47 -1.45
C LEU C 291 -14.33 15.19 -1.13
N ALA C 292 -14.75 14.47 -2.17
CA ALA C 292 -15.47 13.22 -1.98
C ALA C 292 -14.80 12.13 -2.80
N GLY C 293 -14.54 10.99 -2.16
CA GLY C 293 -13.95 9.85 -2.83
C GLY C 293 -15.02 8.84 -3.19
N TYR C 294 -14.81 8.16 -4.32
CA TYR C 294 -15.85 7.35 -4.93
C TYR C 294 -15.34 5.94 -5.20
N ASP C 295 -16.29 5.02 -5.39
CA ASP C 295 -15.98 3.65 -5.74
C ASP C 295 -15.45 3.50 -7.15
N ASP C 296 -15.69 4.47 -8.04
CA ASP C 296 -15.27 4.39 -9.43
C ASP C 296 -13.84 4.86 -9.63
N PHE C 297 -13.05 4.89 -8.57
CA PHE C 297 -11.61 5.06 -8.59
C PHE C 297 -11.18 6.49 -8.88
N ASN C 298 -12.01 7.49 -8.59
CA ASN C 298 -11.54 8.86 -8.63
C ASN C 298 -12.39 9.74 -7.73
N CYS C 299 -11.75 10.77 -7.18
CA CYS C 299 -12.38 11.71 -6.27
C CYS C 299 -12.91 12.92 -7.04
N ASN C 300 -13.98 13.50 -6.53
CA ASN C 300 -14.61 14.65 -7.13
C ASN C 300 -14.59 15.80 -6.13
N VAL C 301 -14.28 17.00 -6.63
CA VAL C 301 -14.31 18.20 -5.82
C VAL C 301 -15.58 18.97 -6.16
N TRP C 302 -16.30 19.41 -5.14
CA TRP C 302 -17.57 20.06 -5.30
C TRP C 302 -17.50 21.45 -4.73
N ASP C 303 -18.08 22.40 -5.43
CA ASP C 303 -18.32 23.72 -4.86
C ASP C 303 -19.39 23.55 -3.80
N ALA C 304 -18.97 23.49 -2.54
CA ALA C 304 -19.89 23.18 -1.46
C ALA C 304 -21.06 24.14 -1.44
N LEU C 305 -20.87 25.37 -1.87
CA LEU C 305 -21.92 26.36 -1.84
C LEU C 305 -22.76 26.38 -3.12
N LYS C 306 -22.33 25.74 -4.20
CA LYS C 306 -23.09 25.79 -5.43
C LYS C 306 -23.47 24.43 -6.01
N ALA C 307 -23.05 23.32 -5.40
CA ALA C 307 -23.34 21.98 -5.88
C ALA C 307 -22.90 21.78 -7.32
N ASP C 308 -21.69 22.24 -7.62
CA ASP C 308 -21.11 22.15 -8.94
C ASP C 308 -19.76 21.46 -8.84
N ARG C 309 -19.47 20.54 -9.75
CA ARG C 309 -18.18 19.87 -9.77
C ARG C 309 -17.11 20.87 -10.18
N ALA C 310 -16.18 21.15 -9.29
CA ALA C 310 -15.06 22.03 -9.59
C ALA C 310 -13.84 21.29 -10.11
N GLY C 311 -13.84 19.96 -10.08
CA GLY C 311 -12.67 19.23 -10.54
C GLY C 311 -12.78 17.75 -10.25
N VAL C 312 -11.75 17.04 -10.71
CA VAL C 312 -11.64 15.59 -10.55
C VAL C 312 -10.21 15.26 -10.15
N LEU C 313 -10.04 14.29 -9.26
CA LEU C 313 -8.73 13.79 -8.87
C LEU C 313 -8.65 12.33 -9.30
N ALA C 314 -8.21 12.10 -10.52
CA ALA C 314 -8.21 10.76 -11.13
C ALA C 314 -6.78 10.27 -11.24
N GLY C 315 -6.37 9.43 -10.30
CA GLY C 315 -5.05 8.84 -10.35
C GLY C 315 -4.97 7.44 -9.78
N HIS C 316 -6.07 6.90 -9.29
CA HIS C 316 -6.08 5.61 -8.64
C HIS C 316 -6.73 4.57 -9.55
N ASP C 317 -6.14 3.39 -9.61
CA ASP C 317 -6.71 2.28 -10.36
C ASP C 317 -7.35 1.24 -9.44
N ASN C 318 -7.86 1.68 -8.29
CA ASN C 318 -8.88 0.98 -7.53
C ASN C 318 -9.60 2.02 -6.68
N ARG C 319 -10.64 1.59 -5.98
CA ARG C 319 -11.53 2.54 -5.34
C ARG C 319 -10.84 3.33 -4.22
N VAL C 320 -11.17 4.61 -4.14
CA VAL C 320 -10.62 5.49 -3.12
C VAL C 320 -11.34 5.18 -1.80
N SER C 321 -10.62 4.60 -0.85
CA SER C 321 -11.19 4.15 0.40
C SER C 321 -11.01 5.13 1.53
N CYS C 322 -10.24 6.19 1.33
CA CYS C 322 -9.92 7.11 2.40
C CYS C 322 -9.45 8.42 1.79
N LEU C 323 -9.54 9.48 2.59
CA LEU C 323 -9.34 10.82 2.09
C LEU C 323 -9.20 11.78 3.25
N GLY C 324 -8.11 12.54 3.28
CA GLY C 324 -7.88 13.50 4.34
C GLY C 324 -7.28 14.77 3.82
N VAL C 325 -7.61 15.87 4.49
CA VAL C 325 -7.09 17.18 4.16
C VAL C 325 -6.33 17.70 5.38
N THR C 326 -5.17 18.30 5.13
CA THR C 326 -4.31 18.75 6.21
C THR C 326 -4.96 19.88 7.00
N ASP C 327 -4.50 20.03 8.25
CA ASP C 327 -5.06 21.06 9.11
C ASP C 327 -4.75 22.47 8.59
N ASP C 328 -3.67 22.62 7.84
CA ASP C 328 -3.38 23.89 7.18
C ASP C 328 -3.92 23.95 5.76
N GLY C 329 -4.55 22.89 5.28
CA GLY C 329 -5.20 22.92 3.98
C GLY C 329 -4.28 22.86 2.79
N MET C 330 -3.02 22.48 2.99
CA MET C 330 -2.08 22.45 1.88
C MET C 330 -2.36 21.28 0.94
N ALA C 331 -2.59 20.09 1.49
CA ALA C 331 -2.62 18.88 0.69
C ALA C 331 -3.82 18.01 1.02
N VAL C 332 -4.19 17.20 0.03
CA VAL C 332 -5.19 16.15 0.16
C VAL C 332 -4.48 14.83 -0.03
N ALA C 333 -4.72 13.88 0.85
CA ALA C 333 -4.14 12.56 0.72
C ALA C 333 -5.22 11.53 0.53
N THR C 334 -5.11 10.76 -0.55
CA THR C 334 -6.09 9.75 -0.92
C THR C 334 -5.41 8.40 -0.95
N GLY C 335 -6.03 7.41 -0.33
CA GLY C 335 -5.57 6.04 -0.41
C GLY C 335 -6.63 5.20 -1.10
N SER C 336 -6.17 4.17 -1.79
CA SER C 336 -7.05 3.33 -2.58
C SER C 336 -6.74 1.88 -2.28
N TRP C 337 -7.56 1.01 -2.88
CA TRP C 337 -7.36 -0.43 -2.79
C TRP C 337 -6.24 -0.93 -3.66
N ASP C 338 -5.61 -0.04 -4.43
CA ASP C 338 -4.48 -0.37 -5.27
C ASP C 338 -3.16 -0.30 -4.52
N SER C 339 -3.20 -0.26 -3.19
CA SER C 339 -2.08 -0.29 -2.26
C SER C 339 -1.31 1.01 -2.19
N PHE C 340 -1.67 2.02 -2.96
CA PHE C 340 -0.93 3.27 -3.00
C PHE C 340 -1.78 4.37 -2.41
N LEU C 341 -1.12 5.40 -1.88
CA LEU C 341 -1.81 6.62 -1.53
C LEU C 341 -1.01 7.80 -2.02
N LYS C 342 -1.72 8.88 -2.33
CA LYS C 342 -1.16 9.99 -3.09
C LYS C 342 -1.49 11.30 -2.39
N ILE C 343 -0.67 12.30 -2.66
CA ILE C 343 -0.79 13.61 -2.03
C ILE C 343 -0.95 14.66 -3.13
N TRP C 344 -1.98 15.48 -3.01
CA TRP C 344 -2.41 16.40 -4.05
C TRP C 344 -2.40 17.80 -3.48
N ASN C 345 -1.94 18.77 -4.27
CA ASN C 345 -1.69 20.12 -3.78
C ASN C 345 -2.19 21.14 -4.77
N GLN D 11 -38.68 0.09 25.20
CA GLN D 11 -38.69 -0.34 23.81
C GLN D 11 -39.12 0.80 22.89
N ALA D 12 -40.30 1.35 23.16
CA ALA D 12 -40.82 2.49 22.42
C ALA D 12 -40.95 3.75 23.26
N ARG D 13 -41.02 3.62 24.59
CA ARG D 13 -40.99 4.78 25.45
C ARG D 13 -39.70 5.56 25.26
N LYS D 14 -38.59 4.86 25.05
CA LYS D 14 -37.33 5.54 24.77
C LYS D 14 -37.41 6.33 23.47
N LEU D 15 -38.04 5.76 22.44
CA LEU D 15 -38.17 6.47 21.18
C LEU D 15 -39.02 7.72 21.34
N VAL D 16 -40.14 7.64 22.06
CA VAL D 16 -40.98 8.83 22.19
C VAL D 16 -40.30 9.86 23.08
N GLU D 17 -39.52 9.43 24.08
CA GLU D 17 -38.78 10.40 24.88
C GLU D 17 -37.74 11.13 24.05
N GLN D 18 -37.00 10.40 23.20
CA GLN D 18 -36.01 11.05 22.35
C GLN D 18 -36.68 11.97 21.34
N LEU D 19 -37.80 11.54 20.77
CA LEU D 19 -38.52 12.39 19.83
C LEU D 19 -39.06 13.63 20.50
N LYS D 20 -39.46 13.54 21.76
CA LYS D 20 -39.91 14.73 22.48
C LYS D 20 -38.75 15.66 22.76
N MET D 21 -37.60 15.12 23.14
CA MET D 21 -36.41 15.96 23.34
C MET D 21 -35.95 16.61 22.05
N GLU D 22 -36.24 16.00 20.90
CA GLU D 22 -35.84 16.56 19.61
C GLU D 22 -36.90 17.46 18.99
N ALA D 23 -38.14 17.37 19.44
CA ALA D 23 -39.19 18.23 18.89
C ALA D 23 -39.08 19.66 19.41
N ASN D 24 -38.57 19.83 20.62
CA ASN D 24 -38.46 21.16 21.23
C ASN D 24 -37.00 21.60 21.16
N ILE D 25 -36.61 22.13 20.00
CA ILE D 25 -35.27 22.67 19.81
C ILE D 25 -35.40 23.97 19.02
N ASP D 26 -34.55 24.94 19.36
CA ASP D 26 -34.60 26.23 18.70
C ASP D 26 -33.99 26.13 17.31
N ARG D 27 -34.71 26.64 16.32
CA ARG D 27 -34.33 26.50 14.92
C ARG D 27 -34.27 27.87 14.27
N ILE D 28 -33.18 28.13 13.57
CA ILE D 28 -33.04 29.34 12.77
C ILE D 28 -33.44 29.01 11.35
N LYS D 29 -33.86 30.03 10.62
CA LYS D 29 -34.33 29.82 9.25
C LYS D 29 -33.17 29.44 8.34
N VAL D 30 -33.50 28.72 7.27
CA VAL D 30 -32.47 28.22 6.36
C VAL D 30 -31.70 29.38 5.73
N SER D 31 -32.34 30.52 5.53
CA SER D 31 -31.64 31.65 4.96
C SER D 31 -30.49 32.12 5.85
N LYS D 32 -30.74 32.19 7.16
CA LYS D 32 -29.69 32.62 8.08
C LYS D 32 -28.53 31.63 8.10
N ALA D 33 -28.82 30.33 8.12
CA ALA D 33 -27.77 29.33 8.11
C ALA D 33 -26.95 29.40 6.83
N ALA D 34 -27.62 29.54 5.69
CA ALA D 34 -26.92 29.66 4.42
C ALA D 34 -26.03 30.89 4.37
N ALA D 35 -26.55 32.02 4.85
CA ALA D 35 -25.75 33.23 4.89
C ALA D 35 -24.54 33.07 5.79
N ASP D 36 -24.71 32.37 6.92
CA ASP D 36 -23.57 32.16 7.82
C ASP D 36 -22.50 31.31 7.17
N LEU D 37 -22.88 30.22 6.50
CA LEU D 37 -21.89 29.40 5.80
C LEU D 37 -21.20 30.19 4.70
N MET D 38 -21.97 30.99 3.96
CA MET D 38 -21.39 31.80 2.89
C MET D 38 -20.41 32.84 3.44
N ALA D 39 -20.76 33.48 4.55
CA ALA D 39 -19.86 34.44 5.17
C ALA D 39 -18.58 33.78 5.66
N TYR D 40 -18.68 32.59 6.25
CA TYR D 40 -17.48 31.87 6.65
C TYR D 40 -16.60 31.57 5.45
N CYS D 41 -17.19 31.09 4.35
CA CYS D 41 -16.39 30.74 3.20
C CYS D 41 -15.76 31.97 2.56
N GLU D 42 -16.42 33.12 2.64
CA GLU D 42 -15.86 34.35 2.08
C GLU D 42 -14.74 34.91 2.94
N ALA D 43 -14.87 34.84 4.27
CA ALA D 43 -13.83 35.37 5.15
C ALA D 43 -12.53 34.60 5.03
N HIS D 44 -12.58 33.28 4.87
CA HIS D 44 -11.39 32.45 4.85
C HIS D 44 -10.97 32.04 3.45
N ALA D 45 -11.56 32.65 2.41
CA ALA D 45 -11.20 32.27 1.05
C ALA D 45 -9.76 32.59 0.73
N LYS D 46 -9.20 33.61 1.37
CA LYS D 46 -7.81 34.00 1.13
C LYS D 46 -6.81 33.13 1.87
N GLU D 47 -7.26 32.27 2.78
CA GLU D 47 -6.38 31.38 3.53
C GLU D 47 -6.60 29.92 3.17
N ASP D 48 -7.11 29.64 1.97
CA ASP D 48 -7.44 28.28 1.54
C ASP D 48 -6.61 27.91 0.32
N PRO D 49 -5.54 27.13 0.50
CA PRO D 49 -4.60 26.92 -0.62
C PRO D 49 -5.21 26.16 -1.78
N LEU D 50 -6.08 25.19 -1.54
CA LEU D 50 -6.59 24.37 -2.63
C LEU D 50 -7.55 25.14 -3.51
N LEU D 51 -8.09 26.24 -3.00
CA LEU D 51 -9.00 27.04 -3.80
C LEU D 51 -8.23 28.03 -4.65
N THR D 52 -7.42 28.87 -4.02
CA THR D 52 -6.52 29.79 -4.72
C THR D 52 -5.09 29.31 -4.51
N PRO D 53 -4.45 28.71 -5.51
CA PRO D 53 -3.14 28.09 -5.28
C PRO D 53 -2.09 29.09 -4.83
N VAL D 54 -1.25 28.65 -3.89
CA VAL D 54 -0.14 29.43 -3.37
C VAL D 54 1.03 29.34 -4.35
N PRO D 55 1.96 30.30 -4.35
CA PRO D 55 3.10 30.21 -5.26
C PRO D 55 3.98 29.01 -4.94
N ALA D 56 4.87 28.68 -5.89
CA ALA D 56 5.68 27.48 -5.75
C ALA D 56 6.62 27.55 -4.57
N SER D 57 7.02 28.75 -4.15
CA SER D 57 7.91 28.87 -3.01
C SER D 57 7.24 28.40 -1.73
N GLU D 58 5.95 28.70 -1.56
CA GLU D 58 5.24 28.33 -0.35
C GLU D 58 4.89 26.84 -0.32
N ASN D 59 4.66 26.22 -1.46
CA ASN D 59 4.18 24.84 -1.49
C ASN D 59 5.27 23.90 -1.03
N PRO D 60 5.06 23.13 0.04
CA PRO D 60 6.08 22.20 0.49
C PRO D 60 6.06 20.86 -0.23
N PHE D 61 5.10 20.63 -1.12
CA PHE D 61 5.06 19.40 -1.91
C PHE D 61 5.48 19.67 -3.35
N VAL E 2 17.14 1.77 30.51
CA VAL E 2 18.12 1.82 29.45
C VAL E 2 19.51 1.85 30.04
N GLN E 3 20.39 1.01 29.51
CA GLN E 3 21.70 0.83 30.11
C GLN E 3 22.70 0.46 29.03
N LEU E 4 23.76 1.25 28.93
CA LEU E 4 24.90 0.97 28.04
C LEU E 4 26.13 0.88 28.93
N VAL E 5 26.66 -0.33 29.09
CA VAL E 5 27.78 -0.58 29.99
C VAL E 5 29.00 -0.86 29.12
N GLU E 6 29.95 0.06 29.12
CA GLU E 6 31.13 -0.06 28.31
C GLU E 6 32.21 -0.84 29.05
N SER E 7 32.98 -1.63 28.31
CA SER E 7 34.01 -2.49 28.87
C SER E 7 35.28 -2.34 28.05
N GLY E 8 36.32 -3.04 28.49
CA GLY E 8 37.65 -2.86 27.94
C GLY E 8 38.45 -1.98 28.87
N GLY E 9 39.28 -1.11 28.31
CA GLY E 9 39.91 -0.07 29.12
C GLY E 9 41.02 -0.55 30.01
N GLY E 10 41.99 0.30 30.23
CA GLY E 10 43.16 -0.03 31.02
C GLY E 10 44.37 0.63 30.43
N LEU E 11 45.54 0.03 30.68
CA LEU E 11 46.80 0.56 30.22
C LEU E 11 47.33 -0.29 29.07
N VAL E 12 47.77 0.39 28.01
CA VAL E 12 48.39 -0.25 26.85
C VAL E 12 49.61 0.56 26.46
N GLN E 13 50.70 -0.12 26.15
CA GLN E 13 51.85 0.55 25.58
C GLN E 13 51.52 1.02 24.17
N PRO E 14 52.15 2.10 23.71
CA PRO E 14 51.88 2.56 22.35
C PRO E 14 52.21 1.51 21.32
N GLY E 15 51.39 1.46 20.27
CA GLY E 15 51.48 0.44 19.27
C GLY E 15 50.63 -0.78 19.52
N GLY E 16 49.98 -0.86 20.68
CA GLY E 16 49.18 -2.01 21.03
C GLY E 16 47.85 -2.04 20.30
N SER E 17 46.86 -2.68 20.94
CA SER E 17 45.56 -2.86 20.32
C SER E 17 44.58 -3.31 21.38
N ARG E 18 43.44 -2.63 21.47
CA ARG E 18 42.39 -3.01 22.40
C ARG E 18 41.04 -2.97 21.69
N LYS E 19 40.12 -3.78 22.20
CA LYS E 19 38.75 -3.80 21.72
C LYS E 19 37.84 -3.39 22.87
N LEU E 20 37.16 -2.27 22.70
CA LEU E 20 36.16 -1.85 23.67
C LEU E 20 34.81 -2.42 23.28
N SER E 21 34.05 -2.86 24.27
CA SER E 21 32.72 -3.40 24.06
C SER E 21 31.72 -2.65 24.91
N CYS E 22 30.63 -2.20 24.30
CA CYS E 22 29.51 -1.63 25.01
C CYS E 22 28.34 -2.59 24.93
N SER E 23 27.86 -3.02 26.08
CA SER E 23 26.77 -3.97 26.18
C SER E 23 25.47 -3.19 26.40
N ALA E 24 24.51 -3.37 25.50
CA ALA E 24 23.28 -2.62 25.52
C ALA E 24 22.17 -3.45 26.15
N SER E 25 21.45 -2.85 27.09
CA SER E 25 20.32 -3.51 27.73
C SER E 25 19.22 -2.48 27.95
N GLY E 26 17.98 -2.94 27.78
CA GLY E 26 16.84 -2.12 28.07
C GLY E 26 16.18 -1.49 26.86
N PHE E 27 16.75 -1.63 25.68
CA PHE E 27 16.18 -0.98 24.51
C PHE E 27 16.51 -1.77 23.27
N ALA E 28 15.77 -1.47 22.19
CA ALA E 28 15.93 -2.14 20.91
C ALA E 28 17.21 -1.66 20.26
N PHE E 29 18.29 -2.41 20.45
CA PHE E 29 19.61 -2.00 19.99
C PHE E 29 19.65 -1.93 18.47
N SER E 30 18.97 -2.85 17.79
CA SER E 30 19.08 -2.95 16.34
C SER E 30 18.55 -1.73 15.62
N SER E 31 17.67 -0.95 16.26
CA SER E 31 17.06 0.20 15.63
C SER E 31 17.85 1.48 15.83
N PHE E 32 19.01 1.42 16.49
CA PHE E 32 19.75 2.59 16.91
C PHE E 32 21.10 2.64 16.22
N GLY E 33 21.44 3.80 15.68
CA GLY E 33 22.81 4.05 15.29
C GLY E 33 23.60 4.50 16.50
N MET E 34 24.83 4.01 16.61
CA MET E 34 25.58 4.12 17.84
C MET E 34 26.91 4.79 17.58
N HIS E 35 27.29 5.68 18.49
CA HIS E 35 28.47 6.52 18.34
C HIS E 35 29.51 6.18 19.39
N TRP E 36 30.76 6.48 19.08
CA TRP E 36 31.84 6.46 20.05
C TRP E 36 32.36 7.88 20.18
N VAL E 37 32.25 8.43 21.38
CA VAL E 37 32.67 9.80 21.67
C VAL E 37 33.64 9.72 22.84
N ARG E 38 34.85 10.24 22.66
CA ARG E 38 35.86 10.18 23.70
C ARG E 38 36.12 11.56 24.29
N GLN E 39 36.71 11.55 25.48
CA GLN E 39 37.03 12.76 26.21
C GLN E 39 38.42 12.62 26.80
N ALA E 40 39.32 13.51 26.43
CA ALA E 40 40.67 13.52 26.98
C ALA E 40 40.63 13.65 28.50
N PRO E 41 41.74 13.39 29.18
CA PRO E 41 41.70 13.40 30.66
C PRO E 41 41.17 14.67 31.29
N GLU E 42 41.51 15.85 30.75
CA GLU E 42 40.97 17.10 31.28
C GLU E 42 40.60 18.04 30.14
N LYS E 43 39.97 17.52 29.11
CA LYS E 43 39.62 18.32 27.94
C LYS E 43 38.21 17.92 27.51
N GLY E 44 37.82 18.34 26.32
CA GLY E 44 36.45 18.26 25.87
C GLY E 44 36.11 16.96 25.17
N LEU E 45 34.96 16.97 24.52
CA LEU E 45 34.43 15.79 23.85
C LEU E 45 34.91 15.74 22.41
N GLU E 46 35.25 14.55 21.95
CA GLU E 46 35.68 14.34 20.57
C GLU E 46 34.96 13.11 20.03
N TRP E 47 34.53 13.19 18.79
CA TRP E 47 33.76 12.14 18.16
C TRP E 47 34.70 11.18 17.42
N VAL E 48 34.50 9.89 17.60
CA VAL E 48 35.38 8.87 17.06
C VAL E 48 34.76 8.19 15.84
N ALA E 49 33.67 7.47 16.03
CA ALA E 49 33.13 6.65 14.95
C ALA E 49 31.62 6.53 15.11
N TYR E 50 30.98 6.17 14.02
CA TYR E 50 29.53 6.03 13.95
C TYR E 50 29.21 4.78 13.15
N ILE E 51 28.36 3.92 13.71
CA ILE E 51 27.82 2.78 12.98
C ILE E 51 26.30 2.89 13.01
N SER E 52 25.70 2.77 11.85
CA SER E 52 24.27 2.97 11.70
C SER E 52 23.52 1.67 11.97
N SER E 53 22.22 1.78 12.18
CA SER E 53 21.39 0.59 12.26
C SER E 53 21.44 -0.13 10.92
N GLY E 54 21.71 -1.42 10.97
CA GLY E 54 21.94 -2.18 9.76
C GLY E 54 23.37 -2.19 9.28
N SER E 55 24.26 -1.49 9.97
CA SER E 55 25.69 -1.46 9.66
C SER E 55 25.97 -0.95 8.25
N GLY E 56 24.99 -0.29 7.65
CA GLY E 56 25.16 0.15 6.27
C GLY E 56 26.19 1.25 6.14
N THR E 57 26.20 2.20 7.07
CA THR E 57 27.02 3.40 6.97
C THR E 57 27.94 3.47 8.18
N ILE E 58 29.23 3.63 7.92
CA ILE E 58 30.23 3.78 8.97
C ILE E 58 31.06 5.02 8.66
N TYR E 59 31.18 5.91 9.62
CA TYR E 59 31.99 7.11 9.50
C TYR E 59 33.02 7.12 10.61
N TYR E 60 34.22 7.59 10.29
CA TYR E 60 35.30 7.69 11.26
C TYR E 60 35.84 9.11 11.27
N ALA E 61 36.43 9.47 12.40
CA ALA E 61 37.10 10.76 12.50
C ALA E 61 38.40 10.73 11.73
N ASP E 62 38.85 11.91 11.29
CA ASP E 62 40.10 12.00 10.54
C ASP E 62 41.31 11.66 11.40
N THR E 63 41.20 11.78 12.72
CA THR E 63 42.30 11.45 13.60
C THR E 63 42.48 9.94 13.76
N VAL E 64 41.41 9.18 13.64
CA VAL E 64 41.42 7.75 13.90
C VAL E 64 41.05 6.93 12.68
N LYS E 65 41.03 7.53 11.50
CA LYS E 65 40.70 6.81 10.28
C LYS E 65 41.83 5.85 9.94
N GLY E 66 41.45 4.65 9.50
CA GLY E 66 42.42 3.63 9.14
C GLY E 66 42.81 2.72 10.27
N ARG E 67 43.09 3.27 11.45
CA ARG E 67 43.54 2.46 12.57
C ARG E 67 42.45 2.17 13.60
N PHE E 68 41.21 2.60 13.37
CA PHE E 68 40.08 2.24 14.22
C PHE E 68 39.03 1.51 13.39
N THR E 69 38.29 0.63 14.05
CA THR E 69 37.26 -0.18 13.39
C THR E 69 36.09 -0.40 14.33
N ILE E 70 34.89 -0.06 13.86
CA ILE E 70 33.67 -0.16 14.65
C ILE E 70 32.78 -1.24 14.04
N SER E 71 32.20 -2.05 14.92
CA SER E 71 31.28 -3.09 14.50
C SER E 71 30.27 -3.32 15.60
N ARG E 72 29.13 -3.88 15.24
CA ARG E 72 28.07 -4.17 16.19
C ARG E 72 27.62 -5.60 16.00
N ASP E 73 27.24 -6.22 17.11
CA ASP E 73 26.75 -7.60 17.14
C ASP E 73 25.31 -7.55 17.64
N ASP E 74 24.38 -7.38 16.71
CA ASP E 74 22.99 -7.11 17.08
C ASP E 74 22.37 -8.20 17.95
N PRO E 75 22.51 -9.50 17.64
CA PRO E 75 21.90 -10.51 18.53
C PRO E 75 22.41 -10.46 19.95
N LYS E 76 23.68 -10.13 20.16
CA LYS E 76 24.25 -10.08 21.49
C LYS E 76 24.20 -8.70 22.11
N ASN E 77 23.67 -7.71 21.39
CA ASN E 77 23.50 -6.34 21.88
C ASN E 77 24.83 -5.76 22.35
N THR E 78 25.86 -5.91 21.53
CA THR E 78 27.18 -5.38 21.84
C THR E 78 27.66 -4.49 20.70
N LEU E 79 28.31 -3.39 21.06
CA LEU E 79 28.97 -2.50 20.12
C LEU E 79 30.46 -2.59 20.35
N PHE E 80 31.22 -2.75 19.28
CA PHE E 80 32.66 -2.95 19.37
C PHE E 80 33.41 -1.80 18.72
N LEU E 81 34.56 -1.49 19.31
CA LEU E 81 35.54 -0.58 18.71
C LEU E 81 36.89 -1.26 18.80
N GLN E 82 37.39 -1.75 17.67
CA GLN E 82 38.70 -2.35 17.60
C GLN E 82 39.73 -1.27 17.34
N MET E 83 40.59 -1.03 18.32
CA MET E 83 41.61 0.00 18.26
C MET E 83 42.94 -0.65 17.92
N THR E 84 43.61 -0.14 16.88
CA THR E 84 44.92 -0.59 16.49
C THR E 84 45.85 0.61 16.38
N SER E 85 47.15 0.36 16.54
CA SER E 85 48.18 1.39 16.43
C SER E 85 47.95 2.51 17.43
N LEU E 86 47.69 2.13 18.68
CA LEU E 86 47.33 3.08 19.71
C LEU E 86 48.45 4.05 19.98
N ARG E 87 48.11 5.33 20.05
CA ARG E 87 49.04 6.43 20.21
C ARG E 87 48.88 7.03 21.61
N SER E 88 49.64 8.08 21.88
CA SER E 88 49.56 8.76 23.17
C SER E 88 48.47 9.81 23.21
N GLU E 89 47.81 10.10 22.09
CA GLU E 89 46.69 11.03 22.04
C GLU E 89 45.36 10.32 22.16
N ASP E 90 45.35 9.00 22.34
CA ASP E 90 44.15 8.21 22.48
C ASP E 90 43.77 7.96 23.94
N THR E 91 44.52 8.48 24.89
CA THR E 91 44.20 8.28 26.29
C THR E 91 42.99 9.12 26.65
N ALA E 92 41.87 8.47 26.94
CA ALA E 92 40.60 9.17 27.08
C ALA E 92 39.60 8.26 27.78
N MET E 93 38.42 8.80 28.06
CA MET E 93 37.27 8.01 28.46
C MET E 93 36.37 7.86 27.25
N TYR E 94 36.08 6.62 26.88
CA TYR E 94 35.38 6.31 25.65
C TYR E 94 33.90 6.08 25.94
N TYR E 95 33.08 7.04 25.55
CA TYR E 95 31.63 6.96 25.77
C TYR E 95 30.97 6.31 24.57
N CYS E 96 29.89 5.59 24.85
CA CYS E 96 29.06 4.99 23.83
C CYS E 96 27.70 5.67 23.84
N VAL E 97 27.26 6.16 22.70
CA VAL E 97 26.07 7.00 22.60
C VAL E 97 25.12 6.39 21.59
N ARG E 98 23.85 6.28 21.97
CA ARG E 98 22.83 5.81 21.06
C ARG E 98 22.16 6.99 20.36
N SER E 99 21.81 6.77 19.10
CA SER E 99 21.18 7.79 18.28
C SER E 99 20.24 7.13 17.30
N ILE E 100 19.01 7.60 17.25
CA ILE E 100 18.04 7.14 16.27
C ILE E 100 17.60 8.33 15.45
N TYR E 101 17.48 8.13 14.14
CA TYR E 101 17.22 9.20 13.19
C TYR E 101 15.92 8.93 12.45
N TYR E 102 14.90 9.71 12.78
CA TYR E 102 13.68 9.78 12.00
C TYR E 102 13.09 11.17 12.26
N TYR E 103 11.99 11.48 11.60
CA TYR E 103 11.39 12.79 11.80
C TYR E 103 10.92 12.94 13.23
N GLY E 104 11.49 13.91 13.94
CA GLY E 104 11.13 14.19 15.30
C GLY E 104 11.89 13.43 16.36
N SER E 105 12.97 12.75 15.98
CA SER E 105 13.71 11.95 16.94
C SER E 105 14.54 12.84 17.86
N SER E 106 15.14 12.21 18.87
CA SER E 106 16.00 12.89 19.82
C SER E 106 17.34 12.17 19.85
N PRO E 107 18.18 12.37 18.84
CA PRO E 107 19.46 11.66 18.80
C PRO E 107 20.40 12.12 19.91
N PHE E 108 21.35 11.27 20.23
CA PHE E 108 22.32 11.51 21.30
C PHE E 108 21.61 11.63 22.65
N ASP E 109 20.67 10.73 22.91
CA ASP E 109 19.80 10.82 24.07
C ASP E 109 20.24 9.99 25.26
N PHE E 110 21.04 8.94 25.06
CA PHE E 110 21.58 8.17 26.16
C PHE E 110 23.07 7.96 25.95
N TRP E 111 23.85 8.23 26.99
CA TRP E 111 25.29 8.08 26.98
C TRP E 111 25.69 7.08 28.05
N GLY E 112 26.47 6.07 27.66
CA GLY E 112 26.91 5.11 28.64
C GLY E 112 28.08 5.62 29.46
N GLN E 113 28.18 5.12 30.69
CA GLN E 113 29.34 5.40 31.50
C GLN E 113 30.55 4.72 30.87
N GLY E 114 31.57 5.52 30.54
CA GLY E 114 32.62 5.05 29.67
C GLY E 114 33.72 4.29 30.37
N THR E 115 34.74 3.95 29.58
CA THR E 115 35.92 3.26 30.04
C THR E 115 37.15 4.09 29.76
N THR E 116 38.13 3.99 30.65
CA THR E 116 39.36 4.77 30.54
C THR E 116 40.44 3.92 29.89
N LEU E 117 40.97 4.41 28.78
CA LEU E 117 42.15 3.88 28.13
C LEU E 117 43.33 4.80 28.44
N THR E 118 44.44 4.21 28.86
CA THR E 118 45.63 4.98 29.20
C THR E 118 46.81 4.43 28.41
N VAL E 119 47.14 5.08 27.32
CA VAL E 119 48.24 4.69 26.44
C VAL E 119 49.39 5.65 26.66
N SER E 120 50.50 5.12 27.14
CA SER E 120 51.66 5.93 27.48
C SER E 120 52.74 5.82 26.40
N SER E 136 35.23 21.97 5.11
CA SER E 136 36.01 21.07 5.94
C SER E 136 35.23 20.69 7.21
N ASP E 137 35.68 21.20 8.34
CA ASP E 137 35.07 20.93 9.64
C ASP E 137 34.48 22.22 10.19
N ILE E 138 33.26 22.14 10.71
CA ILE E 138 32.70 23.28 11.43
C ILE E 138 33.44 23.44 12.75
N VAL E 139 33.85 24.66 13.05
CA VAL E 139 34.55 24.97 14.28
C VAL E 139 33.54 25.58 15.25
N MET E 140 33.08 24.78 16.20
CA MET E 140 32.22 25.27 17.28
C MET E 140 33.07 25.94 18.34
N THR E 141 32.77 27.21 18.61
CA THR E 141 33.54 27.99 19.58
C THR E 141 32.62 28.49 20.68
N GLN E 142 32.72 27.88 21.85
CA GLN E 142 32.06 28.36 23.06
C GLN E 142 33.14 29.11 23.84
N ALA E 143 33.26 30.40 23.55
CA ALA E 143 34.39 31.19 24.06
C ALA E 143 34.38 31.23 25.58
N THR E 144 33.21 31.41 26.18
CA THR E 144 33.12 31.48 27.63
C THR E 144 33.50 30.12 28.21
N SER E 145 34.68 30.04 28.81
CA SER E 145 35.18 28.77 29.32
C SER E 145 34.71 28.48 30.74
N SER E 146 34.45 29.52 31.53
CA SER E 146 33.98 29.32 32.90
C SER E 146 33.25 30.57 33.35
N VAL E 147 32.03 30.40 33.86
CA VAL E 147 31.27 31.53 34.36
C VAL E 147 30.73 31.20 35.75
N PRO E 148 30.91 32.08 36.73
CA PRO E 148 30.36 31.84 38.07
C PRO E 148 28.95 32.39 38.19
N VAL E 149 28.09 31.59 38.81
CA VAL E 149 26.69 31.95 38.95
C VAL E 149 26.07 31.19 40.11
N PRO E 151 23.31 30.66 42.68
CA PRO E 151 22.11 29.87 42.36
C PRO E 151 20.86 30.72 42.39
N GLY E 152 19.74 30.15 41.94
CA GLY E 152 18.49 30.88 41.92
C GLY E 152 18.42 31.97 40.88
N GLU E 153 19.44 32.13 40.06
CA GLU E 153 19.48 33.15 39.03
C GLU E 153 19.43 32.50 37.65
N SER E 154 19.48 33.33 36.62
CA SER E 154 19.42 32.87 35.24
C SER E 154 20.72 33.22 34.53
N VAL E 155 21.31 32.24 33.84
CA VAL E 155 22.56 32.45 33.14
C VAL E 155 22.40 31.92 31.72
N SER E 156 23.20 32.46 30.81
CA SER E 156 23.12 32.11 29.41
C SER E 156 24.49 31.69 28.89
N ILE E 157 24.49 30.74 27.97
CA ILE E 157 25.70 30.20 27.38
C ILE E 157 25.60 30.33 25.87
N SER E 158 26.68 30.80 25.24
CA SER E 158 26.69 31.07 23.82
C SER E 158 27.63 30.11 23.10
N CYS E 159 27.22 29.72 21.89
CA CYS E 159 28.01 28.87 21.01
C CYS E 159 27.98 29.50 19.63
N ARG E 160 29.12 29.58 18.97
CA ARG E 160 29.21 30.15 17.64
C ARG E 160 29.76 29.10 16.68
N SER E 161 29.21 29.08 15.47
CA SER E 161 29.56 28.10 14.47
C SER E 161 30.25 28.79 13.30
N SER E 162 31.18 28.08 12.67
CA SER E 162 31.89 28.66 11.53
C SER E 162 30.94 28.91 10.37
N LYS E 163 30.04 27.97 10.10
CA LYS E 163 29.05 28.15 9.05
C LYS E 163 27.66 27.98 9.64
N SER E 164 26.66 28.44 8.89
CA SER E 164 25.29 28.40 9.35
C SER E 164 24.82 26.95 9.48
N LEU E 165 24.25 26.63 10.63
CA LEU E 165 23.72 25.30 10.89
C LEU E 165 22.30 25.13 10.36
N LEU E 166 21.73 26.18 9.78
CA LEU E 166 20.34 26.14 9.32
C LEU E 166 20.31 25.52 7.93
N HIS E 167 19.81 24.30 7.84
CA HIS E 167 19.66 23.65 6.55
C HIS E 167 18.46 24.23 5.81
N SER E 168 18.44 23.99 4.49
CA SER E 168 17.31 24.44 3.69
C SER E 168 16.02 23.73 4.06
N ASN E 169 16.11 22.59 4.73
CA ASN E 169 14.93 21.91 5.23
C ASN E 169 14.37 22.55 6.49
N GLY E 170 14.89 23.71 6.87
CA GLY E 170 14.39 24.44 8.02
C GLY E 170 14.95 23.99 9.34
N ASN E 171 15.76 22.95 9.36
CA ASN E 171 16.27 22.39 10.60
C ASN E 171 17.66 22.95 10.87
N THR E 172 17.87 23.41 12.08
CA THR E 172 19.16 23.91 12.52
C THR E 172 19.70 22.99 13.60
N TYR E 173 20.89 22.45 13.37
CA TYR E 173 21.38 21.27 14.07
C TYR E 173 22.39 21.68 15.15
N LEU E 174 21.86 22.10 16.28
CA LEU E 174 22.67 22.38 17.45
C LEU E 174 22.15 21.55 18.61
N TYR E 175 23.08 20.96 19.35
CA TYR E 175 22.77 20.08 20.46
C TYR E 175 23.50 20.56 21.70
N TRP E 176 22.83 20.51 22.84
CA TRP E 176 23.40 20.99 24.10
C TRP E 176 23.51 19.82 25.06
N PHE E 177 24.67 19.69 25.70
CA PHE E 177 24.94 18.58 26.61
C PHE E 177 25.41 19.12 27.95
N LEU E 178 25.06 18.40 29.01
CA LEU E 178 25.53 18.64 30.36
C LEU E 178 26.31 17.45 30.86
N GLN E 179 27.54 17.69 31.28
CA GLN E 179 28.37 16.68 31.92
C GLN E 179 28.61 17.13 33.35
N ARG E 180 27.82 16.60 34.28
CA ARG E 180 28.02 16.88 35.68
C ARG E 180 29.27 16.16 36.17
N PRO E 181 29.82 16.57 37.30
CA PRO E 181 31.04 15.92 37.81
C PRO E 181 30.86 14.43 37.99
N GLY E 182 31.75 13.66 37.38
CA GLY E 182 31.75 12.21 37.51
C GLY E 182 30.50 11.55 36.96
N GLN E 183 29.97 12.07 35.85
CA GLN E 183 28.75 11.53 35.28
C GLN E 183 28.81 11.65 33.77
N SER E 184 28.14 10.74 33.09
CA SER E 184 28.10 10.77 31.64
C SER E 184 27.28 11.98 31.19
N PRO E 185 27.68 12.63 30.10
CA PRO E 185 26.94 13.81 29.64
C PRO E 185 25.52 13.49 29.21
N GLN E 186 24.65 14.48 29.39
CA GLN E 186 23.22 14.34 29.19
C GLN E 186 22.74 15.36 28.17
N LEU E 187 21.88 14.91 27.25
CA LEU E 187 21.31 15.79 26.26
C LEU E 187 20.28 16.71 26.89
N LEU E 188 20.43 18.01 26.69
CA LEU E 188 19.47 19.01 27.13
C LEU E 188 18.55 19.46 26.01
N ILE E 189 19.12 19.93 24.91
CA ILE E 189 18.37 20.47 23.79
C ILE E 189 18.84 19.79 22.53
N TYR E 190 17.91 19.41 21.67
CA TYR E 190 18.24 18.93 20.33
C TYR E 190 17.68 19.89 19.29
N ARG E 191 18.51 20.26 18.34
CA ARG E 191 18.16 21.18 17.26
C ARG E 191 17.79 22.57 17.79
N MET E 192 18.46 22.97 18.87
CA MET E 192 18.51 24.31 19.48
C MET E 192 17.14 24.88 19.83
N SER E 193 16.10 24.10 19.74
CA SER E 193 14.81 24.53 20.24
C SER E 193 14.16 23.49 21.12
N ASN E 194 14.38 22.21 20.85
CA ASN E 194 13.60 21.13 21.45
C ASN E 194 14.30 20.58 22.68
N LEU E 195 13.54 20.49 23.77
CA LEU E 195 14.04 19.90 25.01
C LEU E 195 13.94 18.39 24.95
N ALA E 196 14.94 17.72 25.50
CA ALA E 196 14.92 16.27 25.60
C ALA E 196 13.92 15.83 26.66
N SER E 197 13.49 14.58 26.57
CA SER E 197 12.59 14.01 27.56
C SER E 197 13.30 13.87 28.90
N GLY E 198 12.61 14.28 29.96
CA GLY E 198 13.18 14.24 31.29
C GLY E 198 14.00 15.44 31.68
N VAL E 199 14.08 16.44 30.82
CA VAL E 199 14.84 17.66 31.09
C VAL E 199 13.86 18.73 31.56
N PRO E 200 14.07 19.32 32.74
CA PRO E 200 13.12 20.32 33.24
C PRO E 200 13.02 21.52 32.32
N ASP E 201 11.84 22.13 32.32
CA ASP E 201 11.49 23.25 31.45
C ASP E 201 12.24 24.51 31.77
N ARG E 202 13.20 24.52 32.69
CA ARG E 202 13.93 25.74 32.95
C ARG E 202 14.88 26.09 31.80
N PHE E 203 15.38 25.10 31.09
CA PHE E 203 16.28 25.34 29.97
C PHE E 203 15.49 25.77 28.74
N SER E 204 16.15 26.53 27.89
CA SER E 204 15.62 26.81 26.56
C SER E 204 16.78 27.23 25.67
N GLY E 205 16.58 27.11 24.37
CA GLY E 205 17.62 27.44 23.41
C GLY E 205 17.07 28.25 22.26
N SER E 206 17.91 29.12 21.73
CA SER E 206 17.51 30.00 20.64
C SER E 206 18.76 30.45 19.89
N GLY E 207 18.53 31.18 18.81
CA GLY E 207 19.60 31.71 18.00
C GLY E 207 19.32 31.57 16.52
N SER E 208 20.24 32.01 15.69
CA SER E 208 20.17 31.83 14.26
C SER E 208 21.40 31.01 13.84
N GLY E 209 21.61 30.87 12.54
CA GLY E 209 22.84 30.27 12.08
C GLY E 209 24.04 31.08 12.54
N THR E 210 25.07 30.37 12.98
CA THR E 210 26.37 30.91 13.41
C THR E 210 26.30 31.70 14.71
N ALA E 211 25.19 31.66 15.44
CA ALA E 211 25.09 32.36 16.71
C ALA E 211 23.98 31.71 17.52
N PHE E 212 24.34 31.09 18.64
CA PHE E 212 23.40 30.29 19.42
C PHE E 212 23.50 30.64 20.90
N THR E 213 22.50 30.21 21.65
CA THR E 213 22.45 30.51 23.07
C THR E 213 21.58 29.48 23.79
N LEU E 214 21.99 29.13 25.01
CA LEU E 214 21.24 28.22 25.87
C LEU E 214 21.03 28.96 27.19
N THR E 215 19.83 29.47 27.39
CA THR E 215 19.50 30.18 28.62
C THR E 215 18.83 29.23 29.59
N ILE E 216 19.29 29.25 30.83
CA ILE E 216 18.68 28.49 31.91
C ILE E 216 18.14 29.47 32.92
N SER E 217 16.83 29.39 33.18
CA SER E 217 16.17 30.23 34.17
C SER E 217 16.03 29.46 35.47
N ARG E 218 16.25 30.16 36.58
CA ARG E 218 16.26 29.56 37.91
C ARG E 218 17.30 28.45 38.00
N LEU E 219 18.56 28.84 37.88
CA LEU E 219 19.66 27.90 38.05
C LEU E 219 19.60 27.28 39.43
N GLU E 220 19.74 25.96 39.49
CA GLU E 220 19.61 25.22 40.73
C GLU E 220 20.84 24.36 40.94
N ALA E 221 20.99 23.84 42.14
CA ALA E 221 21.99 22.83 42.40
C ALA E 221 21.64 21.56 41.63
N GLU E 222 22.61 20.67 41.51
CA GLU E 222 22.49 19.48 40.66
C GLU E 222 22.19 19.86 39.23
N ASP E 223 22.58 21.07 38.83
CA ASP E 223 22.38 21.55 37.47
C ASP E 223 23.55 22.43 37.06
N VAL E 224 24.73 22.12 37.58
CA VAL E 224 25.97 22.83 37.25
C VAL E 224 26.99 21.80 36.77
N GLY E 225 27.72 22.15 35.73
CA GLY E 225 28.68 21.26 35.14
C GLY E 225 29.37 21.90 33.96
N VAL E 226 29.65 21.13 32.92
CA VAL E 226 30.30 21.65 31.73
C VAL E 226 29.33 21.47 30.57
N TYR E 227 28.96 22.58 29.93
CA TYR E 227 27.97 22.57 28.86
C TYR E 227 28.67 22.57 27.51
N TYR E 228 28.18 21.72 26.60
CA TYR E 228 28.78 21.53 25.30
C TYR E 228 27.76 21.79 24.20
N CYS E 229 28.26 22.21 23.06
CA CYS E 229 27.44 22.38 21.86
C CYS E 229 28.01 21.51 20.76
N MET E 230 27.11 20.92 19.98
CA MET E 230 27.51 20.03 18.91
C MET E 230 26.77 20.42 17.64
N GLN E 231 27.41 20.23 16.51
CA GLN E 231 26.75 20.31 15.22
C GLN E 231 26.54 18.90 14.68
N HIS E 232 25.34 18.63 14.23
CA HIS E 232 25.09 17.41 13.49
C HIS E 232 24.73 17.73 12.05
N LEU E 233 25.13 18.93 11.59
CA LEU E 233 24.90 19.33 10.22
C LEU E 233 25.64 18.42 9.25
N GLU E 234 26.88 18.08 9.55
CA GLU E 234 27.64 17.21 8.67
C GLU E 234 28.82 16.63 9.44
N TYR E 235 29.24 15.45 9.01
CA TYR E 235 30.37 14.76 9.60
C TYR E 235 31.69 15.38 9.13
N PRO E 236 32.70 15.42 10.00
CA PRO E 236 32.72 14.92 11.37
C PRO E 236 32.00 15.81 12.37
N LEU E 237 31.34 15.19 13.33
CA LEU E 237 30.64 15.95 14.35
C LEU E 237 31.66 16.63 15.26
N THR E 238 31.51 17.92 15.45
CA THR E 238 32.43 18.72 16.23
C THR E 238 31.72 19.28 17.44
N PHE E 239 32.31 19.09 18.60
CA PHE E 239 31.80 19.64 19.83
C PHE E 239 32.41 21.01 20.09
N GLY E 240 31.97 21.66 21.15
CA GLY E 240 32.57 22.88 21.61
C GLY E 240 33.56 22.62 22.73
N ALA E 241 34.34 23.63 23.05
CA ALA E 241 35.36 23.48 24.08
C ALA E 241 34.74 23.21 25.44
N GLY E 242 33.56 23.72 25.69
CA GLY E 242 32.88 23.51 26.95
C GLY E 242 32.84 24.79 27.77
N THR E 243 31.71 24.99 28.46
CA THR E 243 31.53 26.10 29.37
C THR E 243 31.23 25.53 30.75
N LYS E 244 32.08 25.83 31.72
CA LYS E 244 31.96 25.29 33.06
C LYS E 244 31.19 26.26 33.95
N LEU E 245 30.16 25.76 34.61
CA LEU E 245 29.38 26.56 35.55
C LEU E 245 29.71 26.09 36.96
N GLU E 246 30.42 26.93 37.70
CA GLU E 246 30.80 26.66 39.09
C GLU E 246 30.10 27.67 39.98
N LEU E 247 29.54 27.18 41.09
CA LEU E 247 28.82 28.04 42.02
C LEU E 247 29.69 29.17 42.55
#